data_6Z4N
#
_entry.id   6Z4N
#
_cell.length_a   53.261
_cell.length_b   96.275
_cell.length_c   140.835
_cell.angle_alpha   90.000
_cell.angle_beta   90.000
_cell.angle_gamma   90.000
#
_symmetry.space_group_name_H-M   'P 21 21 21'
#
loop_
_entity.id
_entity.type
_entity.pdbx_description
1 polymer 'Cysteine synthase A'
2 non-polymer "PYRIDOXAL-5'-PHOSPHATE"
3 non-polymer '(1~{S},2~{S})-1-[(4-methylphenyl)methyl]-2-phenyl-cyclopropane-1-carboxylic acid'
4 non-polymer 'DIMETHYL SULFOXIDE'
5 non-polymer GLYCEROL
6 non-polymer 'COBALT (II) ION'
7 water water
#
_entity_poly.entity_id   1
_entity_poly.type   'polypeptide(L)'
_entity_poly.pdbx_seq_one_letter_code
;HMSKIYEDNSLTIGHTPLVRLNRIGNGRILAKVESRNPSFSVKCRIGANMIWDAEKRGVLKPGVELVEPTSGNTGIALAY
VAAARGYKLTLTMPETMSIERRKLLKALGANLVLTEGAKGMKGAIQKAEEIVASDPQKYLLLQQFSNPANPEIHEKTTGP
EIWEDTDGQVDVFISGVGTGGTLTGVTRYIKGTKGKTDLITVAVEPTDSPVIAQALAGEEIKPGPHKIQGIGAGFIPGNL
DLKLIDKVVGITNEEAISTARRLMEEEGILAGISSGAAVAAALKLQEDESFTNKNIVVILPSSGERYLSTALFADLFTEK
ELQQ
;
_entity_poly.pdbx_strand_id   AAA,BBB
#
# COMPACT_ATOMS: atom_id res chain seq x y z
N HIS A 1 -10.40 -2.85 -15.47
CA HIS A 1 -11.83 -3.03 -15.05
C HIS A 1 -12.53 -1.69 -14.88
N MET A 2 -13.87 -1.79 -14.73
CA MET A 2 -14.93 -0.75 -14.85
C MET A 2 -15.03 0.19 -13.64
N SER A 3 -15.51 1.39 -13.92
CA SER A 3 -15.56 2.52 -12.97
C SER A 3 -16.76 2.37 -12.03
N LYS A 4 -16.56 2.43 -10.71
CA LYS A 4 -17.67 2.42 -9.74
C LYS A 4 -17.34 3.04 -8.37
N ILE A 5 -18.33 3.14 -7.54
CA ILE A 5 -18.25 3.43 -6.08
C ILE A 5 -18.31 2.07 -5.40
N TYR A 6 -17.27 1.70 -4.69
CA TYR A 6 -17.28 0.45 -3.91
C TYR A 6 -18.08 0.59 -2.62
N GLU A 7 -18.86 -0.43 -2.33
CA GLU A 7 -19.75 -0.27 -1.16
CA GLU A 7 -19.76 -0.52 -1.16
C GLU A 7 -18.95 -0.43 0.13
N ASP A 8 -17.79 -1.06 0.17
CA ASP A 8 -16.89 -1.11 1.34
C ASP A 8 -15.52 -1.52 0.83
N ASN A 9 -14.52 -1.41 1.67
CA ASN A 9 -13.12 -1.57 1.21
C ASN A 9 -12.88 -3.03 0.87
N SER A 10 -13.60 -3.99 1.40
CA SER A 10 -13.38 -5.40 1.02
C SER A 10 -13.59 -5.59 -0.50
N LEU A 11 -14.49 -4.83 -1.11
CA LEU A 11 -14.87 -5.01 -2.51
C LEU A 11 -13.78 -4.48 -3.45
N THR A 12 -12.75 -3.83 -2.91
CA THR A 12 -11.67 -3.24 -3.74
C THR A 12 -10.50 -4.22 -3.98
N ILE A 13 -10.62 -5.44 -3.55
CA ILE A 13 -9.49 -6.40 -3.66
C ILE A 13 -9.11 -6.63 -5.14
N GLY A 14 -7.84 -6.94 -5.30
CA GLY A 14 -7.34 -7.46 -6.59
C GLY A 14 -7.18 -6.38 -7.62
N HIS A 15 -7.16 -6.89 -8.87
CA HIS A 15 -6.73 -6.08 -10.04
C HIS A 15 -5.32 -5.53 -9.84
N THR A 16 -4.45 -6.35 -9.30
CA THR A 16 -3.07 -5.93 -8.99
C THR A 16 -2.23 -5.97 -10.27
N PRO A 17 -1.28 -5.02 -10.37
CA PRO A 17 -0.51 -4.90 -11.62
C PRO A 17 0.50 -6.04 -11.76
N LEU A 18 0.70 -6.37 -13.06
CA LEU A 18 1.72 -7.32 -13.53
C LEU A 18 2.82 -6.50 -14.21
N VAL A 19 3.98 -6.49 -13.61
CA VAL A 19 5.07 -5.57 -13.96
C VAL A 19 6.26 -6.39 -14.45
N ARG A 20 6.75 -6.03 -15.65
CA ARG A 20 7.97 -6.68 -16.19
C ARG A 20 9.19 -6.30 -15.36
N LEU A 21 9.99 -7.25 -14.96
CA LEU A 21 11.30 -6.98 -14.34
C LEU A 21 12.34 -6.75 -15.43
N ASN A 22 12.97 -5.60 -15.39
CA ASN A 22 13.88 -5.19 -16.50
C ASN A 22 15.33 -5.40 -16.16
N ARG A 23 15.74 -5.44 -14.92
CA ARG A 23 17.13 -5.58 -14.48
C ARG A 23 17.35 -6.92 -13.79
N ILE A 24 16.30 -7.56 -13.28
CA ILE A 24 16.43 -8.88 -12.64
C ILE A 24 15.97 -9.95 -13.62
N GLY A 25 16.88 -10.82 -13.98
CA GLY A 25 16.61 -11.88 -14.97
C GLY A 25 16.66 -11.40 -16.41
N ASN A 26 16.02 -12.17 -17.28
CA ASN A 26 16.25 -12.05 -18.74
C ASN A 26 15.21 -11.14 -19.42
N GLY A 27 14.36 -10.46 -18.65
CA GLY A 27 13.32 -9.61 -19.21
C GLY A 27 12.00 -10.32 -19.37
N ARG A 28 11.91 -11.58 -19.01
CA ARG A 28 10.62 -12.33 -19.14
C ARG A 28 9.97 -12.61 -17.76
N ILE A 29 10.58 -12.14 -16.69
CA ILE A 29 9.89 -12.27 -15.37
C ILE A 29 8.84 -11.14 -15.26
N LEU A 30 7.63 -11.59 -15.00
CA LEU A 30 6.47 -10.70 -14.81
C LEU A 30 5.99 -10.82 -13.34
N ALA A 31 6.12 -9.73 -12.62
CA ALA A 31 5.86 -9.68 -11.15
C ALA A 31 4.46 -9.17 -10.89
N LYS A 32 3.68 -10.00 -10.16
CA LYS A 32 2.31 -9.58 -9.79
C LYS A 32 2.28 -9.01 -8.36
N VAL A 33 2.04 -7.71 -8.33
CA VAL A 33 2.30 -6.95 -7.06
C VAL A 33 1.11 -7.00 -6.10
N GLU A 34 1.11 -8.03 -5.28
CA GLU A 34 -0.10 -8.30 -4.43
C GLU A 34 -0.10 -7.37 -3.23
N SER A 35 0.86 -6.52 -3.01
CA SER A 35 0.71 -5.43 -2.02
C SER A 35 -0.16 -4.35 -2.57
N ARG A 36 -0.66 -4.36 -3.78
CA ARG A 36 -1.60 -3.36 -4.30
C ARG A 36 -3.03 -3.83 -4.01
N ASN A 37 -3.35 -3.82 -2.72
CA ASN A 37 -4.53 -4.47 -2.13
C ASN A 37 -4.89 -3.63 -0.91
N PRO A 38 -6.17 -3.70 -0.42
CA PRO A 38 -6.67 -2.73 0.57
C PRO A 38 -5.95 -2.79 1.92
N SER A 39 -5.41 -3.91 2.35
CA SER A 39 -4.50 -3.98 3.51
C SER A 39 -3.11 -4.45 3.10
N PHE A 40 -2.79 -4.31 1.79
CA PHE A 40 -1.40 -4.33 1.26
C PHE A 40 -0.79 -5.72 1.29
N SER A 41 -1.56 -6.76 1.08
CA SER A 41 -0.95 -8.08 0.82
C SER A 41 -1.91 -8.97 0.07
N VAL A 42 -1.35 -10.10 -0.38
CA VAL A 42 -2.16 -11.13 -1.09
C VAL A 42 -3.34 -11.56 -0.19
N LYS A 43 -3.11 -11.53 1.13
CA LYS A 43 -4.18 -12.03 2.06
C LYS A 43 -5.42 -11.17 1.99
N CYS A 44 -5.35 -9.95 1.55
CA CYS A 44 -6.58 -9.13 1.42
C CYS A 44 -7.66 -9.91 0.70
N ARG A 45 -7.27 -10.68 -0.35
CA ARG A 45 -8.27 -11.40 -1.15
C ARG A 45 -8.98 -12.46 -0.28
N ILE A 46 -8.21 -13.16 0.54
CA ILE A 46 -8.81 -14.27 1.33
C ILE A 46 -9.52 -13.72 2.57
N GLY A 47 -9.04 -12.63 3.13
CA GLY A 47 -9.81 -12.05 4.26
C GLY A 47 -11.16 -11.70 3.68
N ALA A 48 -11.26 -11.07 2.54
CA ALA A 48 -12.53 -10.72 1.89
C ALA A 48 -13.34 -11.99 1.64
N ASN A 49 -12.77 -12.93 0.87
CA ASN A 49 -13.62 -14.02 0.37
C ASN A 49 -13.99 -15.00 1.50
N MET A 50 -13.13 -15.23 2.49
CA MET A 50 -13.57 -16.17 3.57
C MET A 50 -14.76 -15.57 4.32
N ILE A 51 -14.80 -14.26 4.45
CA ILE A 51 -15.94 -13.61 5.18
C ILE A 51 -17.13 -13.61 4.22
N TRP A 52 -16.98 -13.24 2.94
CA TRP A 52 -18.11 -13.28 1.99
C TRP A 52 -18.67 -14.69 1.92
N ASP A 53 -17.80 -15.69 1.92
CA ASP A 53 -18.28 -17.08 1.78
C ASP A 53 -19.06 -17.46 3.04
N ALA A 54 -18.54 -17.08 4.19
CA ALA A 54 -19.26 -17.39 5.46
C ALA A 54 -20.64 -16.73 5.44
N GLU A 55 -20.78 -15.53 4.94
CA GLU A 55 -22.06 -14.85 4.76
C GLU A 55 -22.96 -15.70 3.88
N LYS A 56 -22.44 -16.08 2.73
CA LYS A 56 -23.23 -16.83 1.74
C LYS A 56 -23.69 -18.17 2.34
N ARG A 57 -22.86 -18.81 3.15
CA ARG A 57 -23.17 -20.15 3.70
C ARG A 57 -24.14 -20.01 4.88
N GLY A 58 -24.41 -18.79 5.34
CA GLY A 58 -25.34 -18.58 6.45
C GLY A 58 -24.72 -18.76 7.83
N VAL A 59 -23.41 -18.95 7.96
CA VAL A 59 -22.71 -19.21 9.24
C VAL A 59 -22.16 -17.92 9.84
N LEU A 60 -22.12 -16.85 9.05
CA LEU A 60 -21.77 -15.50 9.55
C LEU A 60 -22.95 -14.62 9.28
N LYS A 61 -23.46 -14.07 10.32
CA LYS A 61 -24.78 -13.41 10.40
C LYS A 61 -24.68 -12.55 11.63
N PRO A 62 -25.61 -11.58 11.78
CA PRO A 62 -25.63 -10.74 12.96
C PRO A 62 -25.54 -11.54 14.25
N GLY A 63 -24.63 -11.11 15.13
CA GLY A 63 -24.39 -11.75 16.43
C GLY A 63 -23.22 -12.67 16.41
N VAL A 64 -22.81 -13.13 15.23
CA VAL A 64 -21.67 -14.05 15.14
C VAL A 64 -20.41 -13.22 15.04
N GLU A 65 -19.42 -13.62 15.83
CA GLU A 65 -18.08 -13.00 15.89
C GLU A 65 -17.06 -13.92 15.29
N LEU A 66 -16.09 -13.35 14.61
CA LEU A 66 -15.04 -14.12 13.93
C LEU A 66 -13.89 -14.37 14.90
N VAL A 67 -13.25 -15.51 14.71
CA VAL A 67 -12.03 -15.87 15.45
C VAL A 67 -11.05 -16.47 14.45
N GLU A 68 -9.78 -16.11 14.56
CA GLU A 68 -8.75 -16.81 13.77
C GLU A 68 -7.41 -16.69 14.49
N PRO A 69 -6.63 -17.81 14.57
CA PRO A 69 -5.27 -17.72 15.04
C PRO A 69 -4.36 -17.30 13.86
N THR A 70 -3.71 -16.17 14.00
CA THR A 70 -2.80 -15.72 12.90
C THR A 70 -1.88 -14.64 13.44
N SER A 71 -0.57 -14.80 13.17
CA SER A 71 0.39 -13.76 13.59
CA SER A 71 0.52 -13.88 13.55
C SER A 71 0.90 -12.99 12.37
N GLY A 72 0.13 -13.02 11.29
CA GLY A 72 0.60 -12.49 10.01
C GLY A 72 -0.42 -11.67 9.24
N ASN A 73 -0.22 -11.64 7.90
CA ASN A 73 -1.02 -10.80 7.00
C ASN A 73 -2.50 -11.21 6.97
N THR A 74 -2.81 -12.47 7.24
CA THR A 74 -4.23 -12.89 7.31
C THR A 74 -4.95 -12.13 8.44
N GLY A 75 -4.26 -11.92 9.56
CA GLY A 75 -4.91 -11.17 10.68
C GLY A 75 -5.24 -9.76 10.24
N ILE A 76 -4.32 -9.11 9.53
CA ILE A 76 -4.50 -7.75 9.02
C ILE A 76 -5.66 -7.73 8.03
N ALA A 77 -5.71 -8.71 7.11
CA ALA A 77 -6.79 -8.80 6.11
C ALA A 77 -8.16 -8.98 6.80
N LEU A 78 -8.23 -9.99 7.67
CA LEU A 78 -9.51 -10.19 8.41
C LEU A 78 -9.87 -8.93 9.18
N ALA A 79 -8.90 -8.23 9.74
CA ALA A 79 -9.22 -7.04 10.56
C ALA A 79 -9.85 -5.99 9.66
N TYR A 80 -9.28 -5.69 8.46
CA TYR A 80 -9.85 -4.57 7.70
C TYR A 80 -11.20 -5.00 7.17
N VAL A 81 -11.39 -6.28 6.81
CA VAL A 81 -12.71 -6.68 6.26
C VAL A 81 -13.78 -6.64 7.38
N ALA A 82 -13.41 -7.14 8.52
CA ALA A 82 -14.37 -7.12 9.67
C ALA A 82 -14.74 -5.68 9.97
N ALA A 83 -13.80 -4.76 9.98
CA ALA A 83 -14.10 -3.34 10.16
C ALA A 83 -14.98 -2.82 9.04
N ALA A 84 -14.65 -3.13 7.78
CA ALA A 84 -15.42 -2.59 6.66
C ALA A 84 -16.85 -3.11 6.66
N ARG A 85 -17.07 -4.33 7.11
CA ARG A 85 -18.40 -4.98 7.01
C ARG A 85 -19.17 -5.01 8.34
N GLY A 86 -18.56 -4.53 9.41
CA GLY A 86 -19.23 -4.40 10.71
C GLY A 86 -19.29 -5.67 11.49
N TYR A 87 -18.25 -6.49 11.48
CA TYR A 87 -18.11 -7.67 12.35
C TYR A 87 -17.09 -7.47 13.45
N LYS A 88 -17.34 -8.11 14.58
CA LYS A 88 -16.32 -8.22 15.65
CA LYS A 88 -16.34 -8.24 15.66
C LYS A 88 -15.36 -9.36 15.28
N LEU A 89 -14.12 -9.13 15.59
CA LEU A 89 -13.08 -10.10 15.29
C LEU A 89 -12.15 -10.27 16.47
N THR A 90 -11.84 -11.50 16.79
CA THR A 90 -10.81 -11.85 17.78
C THR A 90 -9.71 -12.59 17.01
N LEU A 91 -8.49 -12.16 17.21
CA LEU A 91 -7.32 -12.83 16.69
C LEU A 91 -6.48 -13.34 17.83
N THR A 92 -6.00 -14.57 17.72
CA THR A 92 -5.03 -15.09 18.70
C THR A 92 -3.66 -15.15 18.05
N MET A 93 -2.63 -14.89 18.83
CA MET A 93 -1.24 -14.96 18.34
CA MET A 93 -1.24 -14.83 18.33
C MET A 93 -0.29 -14.97 19.51
N PRO A 94 0.91 -15.54 19.30
CA PRO A 94 1.90 -15.50 20.36
C PRO A 94 2.29 -14.03 20.67
N GLU A 95 2.64 -13.81 21.93
CA GLU A 95 3.03 -12.48 22.45
C GLU A 95 4.32 -11.96 21.81
N THR A 96 4.98 -12.73 20.94
N THR A 96 5.09 -12.85 21.17
CA THR A 96 6.22 -12.33 20.22
CA THR A 96 6.29 -12.48 20.37
C THR A 96 5.88 -11.59 18.91
C THR A 96 5.87 -11.31 19.47
N MET A 97 4.61 -11.52 18.52
N MET A 97 4.61 -11.31 19.04
CA MET A 97 4.23 -10.78 17.30
CA MET A 97 4.07 -10.26 18.14
C MET A 97 4.60 -9.30 17.51
C MET A 97 4.54 -8.91 18.68
N SER A 98 5.12 -8.66 16.48
N SER A 98 5.27 -8.17 17.83
CA SER A 98 5.72 -7.32 16.57
CA SER A 98 5.73 -6.80 18.12
C SER A 98 4.72 -6.27 17.05
C SER A 98 4.54 -5.95 18.55
N ILE A 99 5.24 -5.23 17.68
N ILE A 99 4.82 -4.91 19.32
CA ILE A 99 4.43 -4.05 18.09
CA ILE A 99 3.77 -3.97 19.81
C ILE A 99 3.81 -3.42 16.85
C ILE A 99 3.26 -3.19 18.59
N GLU A 100 4.49 -3.38 15.70
N GLU A 100 4.16 -2.90 17.66
CA GLU A 100 3.94 -2.75 14.49
CA GLU A 100 3.84 -2.20 16.39
C GLU A 100 2.62 -3.47 14.15
C GLU A 100 2.73 -2.97 15.64
N ARG A 101 2.65 -4.80 14.17
N ARG A 101 2.85 -4.29 15.52
CA ARG A 101 1.47 -5.59 13.76
CA ARG A 101 1.81 -5.14 14.86
C ARG A 101 0.38 -5.43 14.82
C ARG A 101 0.53 -5.13 15.72
N ARG A 102 0.71 -5.50 16.11
N ARG A 102 0.64 -5.23 17.05
CA ARG A 102 -0.31 -5.28 17.17
CA ARG A 102 -0.59 -5.15 17.90
C ARG A 102 -0.98 -3.91 16.94
C ARG A 102 -1.31 -3.83 17.60
N LYS A 103 -0.17 -2.89 16.58
N LYS A 103 -0.58 -2.74 17.32
CA LYS A 103 -0.70 -1.51 16.44
CA LYS A 103 -1.13 -1.47 16.78
C LYS A 103 -1.69 -1.43 15.31
C LYS A 103 -1.86 -1.67 15.43
N LEU A 104 -1.31 -2.08 14.24
CA LEU A 104 -2.13 -2.10 13.02
C LEU A 104 -3.44 -2.80 13.34
N LEU A 105 -3.35 -3.96 13.98
CA LEU A 105 -4.53 -4.82 14.19
C LEU A 105 -5.49 -4.08 15.14
N LYS A 106 -4.97 -3.46 16.20
CA LYS A 106 -5.83 -2.75 17.17
CA LYS A 106 -5.87 -2.77 17.16
C LYS A 106 -6.46 -1.54 16.48
N ALA A 107 -5.69 -0.82 15.66
CA ALA A 107 -6.23 0.34 14.94
C ALA A 107 -7.40 -0.08 14.04
N LEU A 108 -7.31 -1.29 13.46
CA LEU A 108 -8.39 -1.81 12.59
C LEU A 108 -9.51 -2.43 13.44
N GLY A 109 -9.44 -2.37 14.77
CA GLY A 109 -10.56 -2.79 15.62
C GLY A 109 -10.50 -4.22 16.09
N ALA A 110 -9.47 -4.97 15.75
CA ALA A 110 -9.40 -6.36 16.18
C ALA A 110 -9.22 -6.42 17.69
N ASN A 111 -9.80 -7.47 18.25
CA ASN A 111 -9.55 -7.87 19.64
CA ASN A 111 -9.54 -7.87 19.65
C ASN A 111 -8.40 -8.88 19.65
N LEU A 112 -7.33 -8.59 20.36
CA LEU A 112 -6.12 -9.43 20.35
C LEU A 112 -6.08 -10.28 21.61
N VAL A 113 -5.78 -11.54 21.44
CA VAL A 113 -5.53 -12.46 22.58
C VAL A 113 -4.13 -13.03 22.39
N LEU A 114 -3.22 -12.62 23.25
CA LEU A 114 -1.80 -12.93 23.18
C LEU A 114 -1.56 -14.20 23.97
N THR A 115 -0.88 -15.13 23.36
CA THR A 115 -0.58 -16.46 23.92
C THR A 115 0.92 -16.57 24.19
N GLU A 116 1.27 -17.60 24.94
CA GLU A 116 2.65 -17.73 25.44
C GLU A 116 3.61 -17.83 24.26
N GLY A 117 4.62 -16.97 24.26
CA GLY A 117 5.58 -16.96 23.15
C GLY A 117 6.26 -18.31 22.88
N ALA A 118 6.62 -19.03 23.94
CA ALA A 118 7.29 -20.34 23.86
C ALA A 118 6.44 -21.34 23.07
N LYS A 119 5.12 -21.18 23.04
CA LYS A 119 4.23 -22.17 22.36
C LYS A 119 3.93 -21.78 20.91
N GLY A 120 4.37 -20.60 20.46
CA GLY A 120 4.30 -20.23 19.04
C GLY A 120 2.89 -20.30 18.46
N MET A 121 2.76 -20.59 17.17
N MET A 121 2.81 -20.62 17.17
CA MET A 121 1.43 -20.61 16.54
CA MET A 121 1.52 -20.68 16.42
C MET A 121 0.59 -21.77 17.08
C MET A 121 0.63 -21.77 17.02
N LYS A 122 1.21 -22.86 17.53
CA LYS A 122 0.44 -23.98 18.12
C LYS A 122 -0.36 -23.46 19.31
N GLY A 123 0.26 -22.63 20.17
CA GLY A 123 -0.44 -22.10 21.35
C GLY A 123 -1.57 -21.17 20.94
N ALA A 124 -1.37 -20.43 19.86
CA ALA A 124 -2.43 -19.51 19.40
C ALA A 124 -3.60 -20.31 18.81
N ILE A 125 -3.31 -21.35 18.05
CA ILE A 125 -4.37 -22.24 17.49
C ILE A 125 -5.15 -22.87 18.64
N GLN A 126 -4.46 -23.35 19.67
CA GLN A 126 -5.16 -23.95 20.85
CA GLN A 126 -5.14 -23.95 20.86
C GLN A 126 -6.07 -22.91 21.52
N LYS A 127 -5.57 -21.69 21.72
CA LYS A 127 -6.40 -20.64 22.34
C LYS A 127 -7.63 -20.31 21.49
N ALA A 128 -7.50 -20.22 20.18
CA ALA A 128 -8.64 -19.94 19.28
C ALA A 128 -9.68 -21.05 19.41
N GLU A 129 -9.23 -22.31 19.45
CA GLU A 129 -10.17 -23.45 19.62
C GLU A 129 -10.89 -23.32 20.96
N GLU A 130 -10.16 -22.97 22.01
CA GLU A 130 -10.74 -22.81 23.36
C GLU A 130 -11.81 -21.70 23.36
N ILE A 131 -11.53 -20.58 22.71
CA ILE A 131 -12.50 -19.46 22.63
C ILE A 131 -13.78 -19.93 21.93
N VAL A 132 -13.64 -20.57 20.79
CA VAL A 132 -14.83 -21.04 20.03
C VAL A 132 -15.60 -22.05 20.90
N ALA A 133 -14.90 -22.95 21.59
CA ALA A 133 -15.54 -24.00 22.41
C ALA A 133 -16.32 -23.37 23.57
N SER A 134 -15.91 -22.19 24.04
CA SER A 134 -16.56 -21.50 25.15
C SER A 134 -17.95 -21.05 24.69
N ASP A 135 -18.21 -20.88 23.41
CA ASP A 135 -19.54 -20.43 22.91
C ASP A 135 -19.63 -20.64 21.41
N PRO A 136 -19.81 -21.91 20.96
CA PRO A 136 -19.73 -22.22 19.53
C PRO A 136 -20.79 -21.52 18.67
N GLN A 137 -21.93 -21.13 19.22
CA GLN A 137 -22.96 -20.41 18.45
CA GLN A 137 -22.92 -20.44 18.36
C GLN A 137 -22.47 -18.99 18.17
N LYS A 138 -21.67 -18.44 19.08
CA LYS A 138 -21.25 -17.01 19.00
C LYS A 138 -20.05 -16.87 18.06
N TYR A 139 -19.15 -17.82 18.10
CA TYR A 139 -17.82 -17.68 17.46
C TYR A 139 -17.72 -18.54 16.20
N LEU A 140 -17.09 -17.96 15.16
CA LEU A 140 -16.84 -18.63 13.89
C LEU A 140 -15.34 -18.60 13.56
N LEU A 141 -14.73 -19.77 13.51
CA LEU A 141 -13.33 -19.96 13.08
C LEU A 141 -13.24 -20.04 11.55
N LEU A 142 -12.40 -19.25 10.93
CA LEU A 142 -12.39 -19.31 9.44
CA LEU A 142 -12.29 -19.22 9.43
C LEU A 142 -11.46 -20.40 8.88
N GLN A 143 -10.39 -20.75 9.58
CA GLN A 143 -9.50 -21.89 9.24
C GLN A 143 -8.81 -21.70 7.86
N GLN A 144 -7.96 -20.68 7.79
CA GLN A 144 -7.36 -20.29 6.47
C GLN A 144 -6.59 -21.43 5.79
N PHE A 145 -6.02 -22.38 6.52
CA PHE A 145 -5.20 -23.43 5.86
C PHE A 145 -6.06 -24.49 5.21
N SER A 146 -7.35 -24.60 5.50
CA SER A 146 -8.21 -25.65 4.94
C SER A 146 -9.47 -25.07 4.30
N ASN A 147 -9.83 -23.81 4.58
CA ASN A 147 -11.08 -23.25 4.07
C ASN A 147 -11.02 -23.12 2.57
N PRO A 148 -11.90 -23.78 1.81
CA PRO A 148 -11.77 -23.73 0.35
C PRO A 148 -12.06 -22.35 -0.24
N ALA A 149 -12.61 -21.42 0.55
CA ALA A 149 -12.85 -20.04 0.07
C ALA A 149 -11.51 -19.30 -0.14
N ASN A 150 -10.45 -19.81 0.44
CA ASN A 150 -9.08 -19.27 0.21
C ASN A 150 -8.62 -19.51 -1.25
N PRO A 151 -8.46 -20.78 -1.68
CA PRO A 151 -8.07 -20.95 -3.08
C PRO A 151 -9.18 -20.47 -4.02
N GLU A 152 -10.45 -20.52 -3.58
CA GLU A 152 -11.53 -20.09 -4.47
C GLU A 152 -11.30 -18.65 -4.93
N ILE A 153 -10.90 -17.73 -4.05
CA ILE A 153 -10.81 -16.34 -4.51
C ILE A 153 -9.69 -16.21 -5.57
N HIS A 154 -8.62 -16.97 -5.43
CA HIS A 154 -7.50 -16.96 -6.42
C HIS A 154 -7.99 -17.58 -7.72
N GLU A 155 -8.86 -18.56 -7.68
CA GLU A 155 -9.47 -19.14 -8.90
C GLU A 155 -10.34 -18.10 -9.60
N LYS A 156 -11.00 -17.23 -8.82
CA LYS A 156 -11.97 -16.29 -9.39
CA LYS A 156 -11.98 -16.26 -9.34
C LYS A 156 -11.36 -14.91 -9.71
N THR A 157 -10.20 -14.54 -9.15
CA THR A 157 -9.67 -13.18 -9.31
C THR A 157 -8.21 -13.27 -9.78
N THR A 158 -7.33 -13.75 -8.94
CA THR A 158 -5.87 -13.75 -9.20
C THR A 158 -5.58 -14.46 -10.53
N GLY A 159 -6.12 -15.65 -10.69
CA GLY A 159 -5.84 -16.43 -11.92
C GLY A 159 -6.38 -15.74 -13.14
N PRO A 160 -7.66 -15.38 -13.23
CA PRO A 160 -8.20 -14.61 -14.33
C PRO A 160 -7.38 -13.35 -14.63
N GLU A 161 -6.89 -12.63 -13.64
CA GLU A 161 -6.10 -11.43 -13.90
C GLU A 161 -4.78 -11.83 -14.60
N ILE A 162 -4.12 -12.88 -14.14
CA ILE A 162 -2.86 -13.35 -14.81
C ILE A 162 -3.21 -13.73 -16.23
N TRP A 163 -4.25 -14.48 -16.47
CA TRP A 163 -4.57 -14.95 -17.84
C TRP A 163 -4.85 -13.74 -18.72
N GLU A 164 -5.64 -12.81 -18.23
CA GLU A 164 -6.05 -11.64 -19.05
CA GLU A 164 -6.04 -11.66 -19.06
C GLU A 164 -4.88 -10.69 -19.25
N ASP A 165 -4.10 -10.41 -18.24
CA ASP A 165 -3.05 -9.40 -18.35
C ASP A 165 -1.96 -9.93 -19.28
N THR A 166 -1.74 -11.24 -19.30
CA THR A 166 -0.73 -11.82 -20.24
C THR A 166 -1.37 -12.20 -21.55
N ASP A 167 -2.64 -11.99 -21.81
CA ASP A 167 -3.34 -12.42 -23.03
CA ASP A 167 -3.32 -12.41 -23.05
C ASP A 167 -3.02 -13.89 -23.29
N GLY A 168 -3.01 -14.70 -22.24
CA GLY A 168 -2.82 -16.15 -22.34
C GLY A 168 -1.37 -16.54 -22.56
N GLN A 169 -0.45 -15.59 -22.51
CA GLN A 169 0.96 -15.88 -22.86
C GLN A 169 1.79 -16.39 -21.70
N VAL A 170 1.21 -16.42 -20.50
CA VAL A 170 1.91 -17.05 -19.35
C VAL A 170 2.33 -18.48 -19.68
N ASP A 171 3.56 -18.82 -19.31
CA ASP A 171 4.08 -20.20 -19.49
C ASP A 171 4.45 -20.89 -18.18
N VAL A 172 4.78 -20.07 -17.17
CA VAL A 172 5.28 -20.54 -15.88
C VAL A 172 4.62 -19.63 -14.83
N PHE A 173 4.18 -20.27 -13.73
CA PHE A 173 3.53 -19.56 -12.59
C PHE A 173 4.27 -19.95 -11.33
N ILE A 174 4.82 -18.96 -10.64
CA ILE A 174 5.61 -19.22 -9.43
C ILE A 174 4.93 -18.61 -8.19
N SER A 175 4.77 -19.46 -7.21
CA SER A 175 4.11 -19.04 -5.94
C SER A 175 4.85 -19.66 -4.76
N GLY A 176 5.35 -18.80 -3.86
CA GLY A 176 5.73 -19.23 -2.52
C GLY A 176 4.52 -19.67 -1.71
N VAL A 177 4.62 -20.84 -1.13
CA VAL A 177 3.45 -21.51 -0.50
C VAL A 177 3.44 -21.25 1.02
N GLY A 178 2.34 -20.66 1.46
CA GLY A 178 2.02 -20.55 2.90
C GLY A 178 0.84 -21.44 3.19
N THR A 179 -0.35 -20.92 2.89
CA THR A 179 -1.57 -21.73 2.90
C THR A 179 -1.72 -22.58 1.63
N GLY A 180 -1.02 -22.21 0.55
CA GLY A 180 -1.22 -22.86 -0.75
C GLY A 180 -2.37 -22.34 -1.56
N GLY A 181 -3.19 -21.42 -1.01
CA GLY A 181 -4.38 -20.98 -1.75
C GLY A 181 -4.03 -20.37 -3.10
N THR A 182 -3.02 -19.50 -3.08
CA THR A 182 -2.65 -18.79 -4.33
C THR A 182 -2.23 -19.81 -5.43
N LEU A 183 -1.35 -20.71 -5.06
CA LEU A 183 -0.87 -21.72 -6.05
C LEU A 183 -2.06 -22.53 -6.55
N THR A 184 -2.86 -23.03 -5.63
CA THR A 184 -3.95 -23.97 -5.98
C THR A 184 -4.97 -23.24 -6.85
N GLY A 185 -5.46 -22.10 -6.38
CA GLY A 185 -6.51 -21.41 -7.12
C GLY A 185 -6.09 -20.90 -8.48
N VAL A 186 -4.96 -20.23 -8.53
CA VAL A 186 -4.48 -19.77 -9.86
C VAL A 186 -4.29 -20.97 -10.82
N THR A 187 -3.73 -22.06 -10.32
CA THR A 187 -3.45 -23.20 -11.22
C THR A 187 -4.80 -23.79 -11.66
N ARG A 188 -5.78 -23.90 -10.75
CA ARG A 188 -7.07 -24.46 -11.16
C ARG A 188 -7.70 -23.60 -12.25
N TYR A 189 -7.56 -22.30 -12.22
CA TYR A 189 -8.16 -21.48 -13.28
C TYR A 189 -7.41 -21.72 -14.60
N ILE A 190 -6.08 -21.68 -14.56
CA ILE A 190 -5.30 -21.73 -15.83
C ILE A 190 -5.29 -23.14 -16.42
N LYS A 191 -4.90 -24.12 -15.63
CA LYS A 191 -4.86 -25.51 -16.14
C LYS A 191 -6.26 -26.06 -16.34
N GLY A 192 -7.19 -25.75 -15.43
CA GLY A 192 -8.54 -26.33 -15.44
C GLY A 192 -9.49 -25.53 -16.31
N THR A 193 -9.87 -24.35 -15.86
CA THR A 193 -10.88 -23.56 -16.60
C THR A 193 -10.39 -23.21 -18.00
N LYS A 194 -9.16 -22.76 -18.10
CA LYS A 194 -8.64 -22.38 -19.44
C LYS A 194 -7.97 -23.55 -20.17
N GLY A 195 -7.82 -24.71 -19.53
CA GLY A 195 -7.37 -25.94 -20.18
C GLY A 195 -5.89 -25.91 -20.50
N LYS A 196 -5.14 -24.97 -19.94
CA LYS A 196 -3.71 -24.90 -20.28
C LYS A 196 -2.93 -25.84 -19.37
N THR A 197 -2.99 -27.13 -19.67
CA THR A 197 -2.42 -28.18 -18.81
C THR A 197 -0.91 -28.17 -18.80
N ASP A 198 -0.29 -27.51 -19.80
CA ASP A 198 1.18 -27.42 -19.85
C ASP A 198 1.72 -26.14 -19.24
N LEU A 199 0.90 -25.37 -18.52
CA LEU A 199 1.48 -24.38 -17.59
C LEU A 199 2.45 -25.11 -16.67
N ILE A 200 3.57 -24.50 -16.34
CA ILE A 200 4.46 -25.04 -15.29
C ILE A 200 4.15 -24.26 -14.01
N THR A 201 3.63 -25.00 -13.03
CA THR A 201 3.32 -24.43 -11.70
C THR A 201 4.48 -24.77 -10.78
N VAL A 202 5.09 -23.75 -10.22
CA VAL A 202 6.26 -23.89 -9.35
C VAL A 202 5.88 -23.44 -7.93
N ALA A 203 6.06 -24.37 -7.02
CA ALA A 203 5.93 -24.08 -5.58
C ALA A 203 7.30 -23.64 -5.08
N VAL A 204 7.34 -22.57 -4.30
CA VAL A 204 8.58 -22.12 -3.66
C VAL A 204 8.48 -22.41 -2.17
N GLU A 205 9.59 -22.89 -1.61
CA GLU A 205 9.65 -23.17 -0.17
C GLU A 205 11.05 -22.91 0.34
N PRO A 206 11.19 -22.81 1.68
CA PRO A 206 12.50 -22.58 2.28
C PRO A 206 13.37 -23.84 2.19
N THR A 207 14.65 -23.65 1.90
CA THR A 207 15.59 -24.77 1.93
C THR A 207 15.58 -25.44 3.31
N ASP A 208 15.37 -24.67 4.37
CA ASP A 208 15.45 -25.17 5.75
C ASP A 208 14.12 -25.79 6.18
N SER A 209 13.06 -25.76 5.35
CA SER A 209 11.78 -26.40 5.71
C SER A 209 11.11 -26.99 4.47
N PRO A 210 11.80 -27.92 3.76
CA PRO A 210 11.42 -28.27 2.40
C PRO A 210 10.35 -29.38 2.40
N VAL A 211 9.21 -29.10 3.03
CA VAL A 211 8.23 -30.17 3.30
C VAL A 211 7.48 -30.54 2.02
N ILE A 212 7.31 -29.64 1.08
CA ILE A 212 6.61 -29.97 -0.19
C ILE A 212 7.49 -30.95 -0.98
N ALA A 213 8.78 -30.68 -1.06
CA ALA A 213 9.69 -31.62 -1.73
C ALA A 213 9.63 -32.98 -1.02
N GLN A 214 9.62 -32.98 0.31
CA GLN A 214 9.54 -34.24 1.09
C GLN A 214 8.23 -34.98 0.77
N ALA A 215 7.10 -34.27 0.76
CA ALA A 215 5.77 -34.88 0.49
C ALA A 215 5.75 -35.45 -0.93
N LEU A 216 6.25 -34.73 -1.94
CA LEU A 216 6.22 -35.24 -3.33
C LEU A 216 7.15 -36.44 -3.47
N ALA A 217 8.20 -36.53 -2.65
CA ALA A 217 9.17 -37.65 -2.70
C ALA A 217 8.66 -38.85 -1.87
N GLY A 218 7.56 -38.69 -1.15
CA GLY A 218 7.01 -39.71 -0.23
C GLY A 218 7.88 -39.87 1.01
N GLU A 219 8.59 -38.83 1.42
CA GLU A 219 9.53 -38.88 2.56
C GLU A 219 8.84 -38.35 3.81
N GLU A 220 9.45 -38.58 4.96
CA GLU A 220 8.98 -38.06 6.26
C GLU A 220 8.94 -36.52 6.20
N ILE A 221 7.87 -35.90 6.68
CA ILE A 221 7.77 -34.42 6.79
C ILE A 221 8.65 -33.99 7.98
N LYS A 222 9.67 -33.19 7.71
CA LYS A 222 10.71 -32.75 8.68
C LYS A 222 10.92 -31.26 8.46
N PRO A 223 10.13 -30.40 9.13
CA PRO A 223 10.26 -28.96 8.95
C PRO A 223 11.43 -28.40 9.78
N GLY A 224 11.71 -27.13 9.55
CA GLY A 224 12.76 -26.40 10.27
C GLY A 224 12.41 -24.92 10.29
N PRO A 225 13.01 -24.16 11.22
CA PRO A 225 12.80 -22.72 11.26
C PRO A 225 13.51 -22.02 10.10
N HIS A 226 12.90 -20.93 9.66
CA HIS A 226 13.47 -20.11 8.57
C HIS A 226 12.89 -18.67 8.63
N LYS A 227 13.38 -17.80 7.77
CA LYS A 227 13.14 -16.35 7.83
C LYS A 227 12.26 -15.89 6.68
N ILE A 228 11.79 -16.80 5.85
CA ILE A 228 10.94 -16.34 4.71
C ILE A 228 9.50 -16.21 5.18
N GLN A 229 9.22 -15.08 5.82
CA GLN A 229 7.90 -14.85 6.43
C GLN A 229 6.81 -15.07 5.39
N GLY A 230 5.71 -15.71 5.77
CA GLY A 230 4.54 -15.88 4.91
C GLY A 230 4.55 -17.22 4.20
N ILE A 231 5.71 -17.88 4.08
CA ILE A 231 5.74 -19.22 3.45
C ILE A 231 6.32 -20.26 4.40
N GLY A 232 6.13 -21.51 4.04
CA GLY A 232 6.83 -22.58 4.74
C GLY A 232 6.33 -22.79 6.14
N ALA A 233 5.09 -23.25 6.21
CA ALA A 233 4.44 -23.49 7.50
C ALA A 233 4.89 -24.79 8.14
N GLY A 234 5.64 -25.62 7.42
CA GLY A 234 6.21 -26.84 8.03
C GLY A 234 5.26 -28.05 7.99
N PHE A 235 4.18 -27.95 7.24
CA PHE A 235 3.24 -29.06 6.95
C PHE A 235 2.64 -28.79 5.58
N ILE A 236 1.88 -29.76 5.07
CA ILE A 236 1.17 -29.63 3.78
C ILE A 236 -0.23 -29.14 4.11
N PRO A 237 -0.56 -27.87 3.79
CA PRO A 237 -1.90 -27.38 4.11
C PRO A 237 -2.98 -28.07 3.27
N GLY A 238 -4.19 -28.11 3.81
CA GLY A 238 -5.38 -28.59 3.09
C GLY A 238 -5.57 -27.84 1.79
N ASN A 239 -5.22 -26.55 1.79
CA ASN A 239 -5.41 -25.69 0.59
C ASN A 239 -4.28 -25.80 -0.45
N LEU A 240 -3.32 -26.69 -0.22
CA LEU A 240 -2.29 -26.99 -1.25
C LEU A 240 -2.64 -28.30 -1.95
N ASP A 241 -2.93 -28.21 -3.23
CA ASP A 241 -3.23 -29.43 -4.01
C ASP A 241 -1.94 -29.91 -4.66
N LEU A 242 -1.28 -30.88 -4.04
CA LEU A 242 0.04 -31.35 -4.52
C LEU A 242 0.01 -31.77 -5.98
N LYS A 243 -1.13 -32.26 -6.45
CA LYS A 243 -1.25 -32.79 -7.83
C LYS A 243 -1.04 -31.67 -8.84
N LEU A 244 -1.22 -30.41 -8.45
CA LEU A 244 -1.13 -29.28 -9.40
C LEU A 244 0.32 -28.80 -9.55
N ILE A 245 1.25 -29.27 -8.73
CA ILE A 245 2.61 -28.71 -8.69
C ILE A 245 3.48 -29.45 -9.72
N ASP A 246 4.19 -28.71 -10.55
CA ASP A 246 5.12 -29.33 -11.53
C ASP A 246 6.55 -29.36 -10.99
N LYS A 247 6.95 -28.36 -10.25
CA LYS A 247 8.33 -28.19 -9.75
C LYS A 247 8.27 -27.53 -8.39
N VAL A 248 9.21 -27.88 -7.54
CA VAL A 248 9.45 -27.26 -6.23
C VAL A 248 10.86 -26.67 -6.25
N VAL A 249 10.96 -25.39 -5.92
CA VAL A 249 12.26 -24.70 -5.75
C VAL A 249 12.47 -24.28 -4.32
N GLY A 250 13.56 -24.75 -3.73
CA GLY A 250 13.93 -24.36 -2.37
C GLY A 250 14.85 -23.15 -2.39
N ILE A 251 14.58 -22.20 -1.51
CA ILE A 251 15.28 -20.90 -1.50
C ILE A 251 15.88 -20.69 -0.12
N THR A 252 17.10 -20.22 -0.04
CA THR A 252 17.71 -19.92 1.28
C THR A 252 17.21 -18.58 1.81
N ASN A 253 17.40 -18.40 3.10
CA ASN A 253 17.03 -17.11 3.73
C ASN A 253 17.78 -15.96 3.04
N GLU A 254 19.05 -16.19 2.77
CA GLU A 254 19.93 -15.14 2.22
C GLU A 254 19.53 -14.83 0.77
N GLU A 255 19.18 -15.85 0.00
CA GLU A 255 18.72 -15.64 -1.39
C GLU A 255 17.44 -14.80 -1.39
N ALA A 256 16.53 -15.11 -0.50
CA ALA A 256 15.23 -14.41 -0.43
C ALA A 256 15.47 -12.93 -0.10
N ILE A 257 16.25 -12.69 0.97
CA ILE A 257 16.56 -11.33 1.42
C ILE A 257 17.27 -10.54 0.33
N SER A 258 18.31 -11.11 -0.25
CA SER A 258 19.11 -10.38 -1.26
CA SER A 258 19.14 -10.45 -1.31
C SER A 258 18.21 -10.06 -2.47
N THR A 259 17.39 -10.99 -2.91
CA THR A 259 16.59 -10.76 -4.12
C THR A 259 15.47 -9.75 -3.84
N ALA A 260 14.92 -9.73 -2.60
CA ALA A 260 13.93 -8.71 -2.22
C ALA A 260 14.62 -7.34 -2.30
N ARG A 261 15.86 -7.26 -1.82
CA ARG A 261 16.60 -5.97 -1.89
CA ARG A 261 16.60 -5.98 -1.89
C ARG A 261 16.80 -5.56 -3.34
N ARG A 262 17.04 -6.53 -4.24
CA ARG A 262 17.19 -6.19 -5.66
C ARG A 262 15.90 -5.66 -6.26
N LEU A 263 14.76 -6.24 -5.86
CA LEU A 263 13.47 -5.74 -6.39
C LEU A 263 13.33 -4.25 -6.05
N MET A 264 13.70 -3.91 -4.81
CA MET A 264 13.56 -2.50 -4.38
C MET A 264 14.52 -1.54 -5.09
N GLU A 265 15.79 -1.92 -5.14
CA GLU A 265 16.80 -0.98 -5.64
C GLU A 265 16.86 -0.99 -7.17
N GLU A 266 16.62 -2.14 -7.80
CA GLU A 266 16.81 -2.30 -9.27
C GLU A 266 15.51 -2.12 -10.02
N GLU A 267 14.34 -2.32 -9.35
CA GLU A 267 13.04 -2.25 -10.05
C GLU A 267 12.09 -1.23 -9.38
N GLY A 268 12.44 -0.69 -8.21
CA GLY A 268 11.50 0.24 -7.56
C GLY A 268 10.21 -0.46 -7.13
N ILE A 269 10.28 -1.72 -6.78
CA ILE A 269 9.08 -2.46 -6.29
C ILE A 269 9.36 -2.82 -4.86
N LEU A 270 8.67 -2.11 -3.96
CA LEU A 270 8.75 -2.44 -2.51
C LEU A 270 8.34 -3.90 -2.37
N ALA A 271 9.12 -4.69 -1.67
CA ALA A 271 8.94 -6.15 -1.69
C ALA A 271 9.37 -6.78 -0.40
N GLY A 272 8.53 -7.72 0.05
CA GLY A 272 8.88 -8.49 1.25
C GLY A 272 9.78 -9.64 0.99
N ILE A 273 10.15 -10.37 2.02
CA ILE A 273 11.11 -11.46 1.94
C ILE A 273 10.60 -12.55 1.01
N SER A 274 9.36 -12.93 1.08
CA SER A 274 8.79 -13.99 0.26
C SER A 274 8.70 -13.54 -1.19
N SER A 275 8.59 -12.26 -1.48
CA SER A 275 8.65 -11.73 -2.86
C SER A 275 10.06 -11.98 -3.39
N GLY A 276 11.09 -11.71 -2.60
CA GLY A 276 12.47 -12.06 -3.00
C GLY A 276 12.57 -13.54 -3.21
N ALA A 277 11.99 -14.38 -2.39
CA ALA A 277 12.13 -15.84 -2.55
C ALA A 277 11.55 -16.25 -3.89
N ALA A 278 10.37 -15.76 -4.23
CA ALA A 278 9.70 -16.19 -5.46
C ALA A 278 10.50 -15.74 -6.70
N VAL A 279 11.02 -14.53 -6.69
CA VAL A 279 11.86 -14.04 -7.82
C VAL A 279 13.17 -14.81 -7.81
N ALA A 280 13.75 -15.11 -6.69
CA ALA A 280 14.97 -15.93 -6.67
C ALA A 280 14.68 -17.26 -7.32
N ALA A 281 13.54 -17.85 -7.16
CA ALA A 281 13.17 -19.14 -7.79
C ALA A 281 13.08 -18.92 -9.30
N ALA A 282 12.54 -17.83 -9.78
CA ALA A 282 12.53 -17.54 -11.24
C ALA A 282 13.96 -17.49 -11.79
N LEU A 283 14.86 -16.87 -11.07
CA LEU A 283 16.26 -16.77 -11.52
C LEU A 283 16.86 -18.17 -11.56
N LYS A 284 16.57 -19.04 -10.62
CA LYS A 284 17.12 -20.41 -10.66
C LYS A 284 16.57 -21.13 -11.87
N LEU A 285 15.31 -20.99 -12.20
CA LEU A 285 14.74 -21.67 -13.38
C LEU A 285 15.40 -21.13 -14.64
N GLN A 286 15.74 -19.86 -14.70
CA GLN A 286 16.37 -19.28 -15.90
C GLN A 286 17.81 -19.72 -16.04
N GLU A 287 18.36 -20.52 -15.13
CA GLU A 287 19.65 -21.19 -15.33
C GLU A 287 19.49 -22.35 -16.33
N ASP A 288 18.29 -22.84 -16.51
CA ASP A 288 17.95 -24.02 -17.33
C ASP A 288 17.46 -23.53 -18.68
N GLU A 289 18.10 -24.03 -19.74
CA GLU A 289 17.80 -23.61 -21.12
CA GLU A 289 17.79 -23.59 -21.12
C GLU A 289 16.34 -23.86 -21.49
N SER A 290 15.66 -24.81 -20.85
CA SER A 290 14.24 -25.08 -21.15
C SER A 290 13.37 -23.85 -20.87
N PHE A 291 13.83 -23.00 -19.93
CA PHE A 291 13.07 -21.80 -19.53
C PHE A 291 13.44 -20.52 -20.25
N THR A 292 14.43 -20.55 -21.18
CA THR A 292 15.03 -19.29 -21.63
CA THR A 292 15.06 -19.30 -21.69
C THR A 292 13.99 -18.41 -22.33
N ASN A 293 13.04 -19.02 -23.05
CA ASN A 293 12.05 -18.25 -23.83
C ASN A 293 10.65 -18.39 -23.27
N LYS A 294 10.51 -18.64 -21.98
CA LYS A 294 9.21 -18.74 -21.28
C LYS A 294 8.90 -17.47 -20.49
N ASN A 295 7.63 -17.12 -20.57
CA ASN A 295 7.12 -16.00 -19.79
C ASN A 295 6.73 -16.50 -18.39
N ILE A 296 7.38 -15.91 -17.40
CA ILE A 296 7.32 -16.42 -16.02
C ILE A 296 6.56 -15.38 -15.16
N VAL A 297 5.38 -15.75 -14.68
CA VAL A 297 4.59 -14.91 -13.72
C VAL A 297 4.93 -15.35 -12.30
N VAL A 298 5.26 -14.34 -11.51
CA VAL A 298 5.68 -14.57 -10.12
C VAL A 298 4.82 -13.70 -9.20
N ILE A 299 4.28 -14.32 -8.17
CA ILE A 299 3.53 -13.54 -7.12
C ILE A 299 4.52 -12.88 -6.17
N LEU A 300 4.34 -11.57 -5.97
CA LEU A 300 5.04 -10.82 -4.92
C LEU A 300 4.01 -10.53 -3.78
N PRO A 301 4.01 -11.34 -2.71
CA PRO A 301 2.89 -11.25 -1.74
C PRO A 301 2.77 -9.97 -0.94
N SER A 302 3.82 -9.24 -0.68
CA SER A 302 3.79 -8.16 0.34
C SER A 302 4.78 -7.07 0.02
N SER A 303 4.69 -5.92 0.65
CA SER A 303 5.53 -4.74 0.49
C SER A 303 6.61 -4.70 1.55
N GLY A 304 7.83 -4.37 1.17
CA GLY A 304 8.96 -4.25 2.10
C GLY A 304 8.71 -3.21 3.20
N GLU A 305 7.78 -2.29 3.03
CA GLU A 305 7.49 -1.35 4.13
C GLU A 305 7.07 -2.09 5.39
N ARG A 306 6.44 -3.25 5.24
CA ARG A 306 5.97 -4.07 6.38
C ARG A 306 7.12 -4.82 7.04
N TYR A 307 8.34 -4.59 6.62
CA TYR A 307 9.50 -5.42 7.01
C TYR A 307 10.62 -4.59 7.60
N LEU A 308 10.35 -3.33 7.98
CA LEU A 308 11.44 -2.45 8.44
C LEU A 308 12.10 -2.96 9.73
N SER A 309 11.41 -3.77 10.51
CA SER A 309 11.92 -4.29 11.81
C SER A 309 12.48 -5.71 11.64
N THR A 310 12.56 -6.21 10.42
CA THR A 310 13.00 -7.60 10.12
C THR A 310 14.42 -7.68 9.53
N ALA A 311 14.88 -8.89 9.31
CA ALA A 311 16.15 -9.20 8.62
C ALA A 311 16.29 -8.44 7.30
N LEU A 312 15.19 -8.17 6.62
CA LEU A 312 15.22 -7.53 5.29
C LEU A 312 15.93 -6.18 5.34
N PHE A 313 15.80 -5.46 6.44
CA PHE A 313 16.37 -4.10 6.57
C PHE A 313 17.48 -4.08 7.64
N ALA A 314 17.91 -5.26 8.10
CA ALA A 314 19.05 -5.43 9.04
C ALA A 314 20.27 -5.89 8.26
N ASP A 315 21.47 -5.70 8.81
CA ASP A 315 22.73 -6.17 8.15
C ASP A 315 22.78 -5.66 6.71
N LEU A 316 22.24 -4.47 6.45
CA LEU A 316 22.08 -3.90 5.09
C LEU A 316 23.00 -2.70 4.99
N PHE A 317 22.82 -1.77 5.91
CA PHE A 317 23.56 -0.49 6.00
C PHE A 317 24.25 -0.36 7.37
N THR A 318 25.50 0.09 7.33
CA THR A 318 26.34 0.39 8.51
C THR A 318 25.82 1.69 9.15
N GLU A 319 26.11 1.90 10.42
CA GLU A 319 25.93 3.21 11.08
C GLU A 319 26.45 4.28 10.10
N LYS A 320 27.69 4.16 9.63
CA LYS A 320 28.33 5.21 8.80
C LYS A 320 27.52 5.39 7.51
N GLU A 321 27.09 4.30 6.89
CA GLU A 321 26.28 4.34 5.65
C GLU A 321 24.95 5.07 5.89
N HIS B 1 -9.93 -0.30 -16.35
CA HIS B 1 -8.96 -0.04 -17.42
C HIS B 1 -8.61 -1.35 -18.13
N MET B 2 -7.74 -1.24 -19.13
CA MET B 2 -7.35 -2.31 -20.07
C MET B 2 -6.31 -3.19 -19.38
N SER B 3 -6.52 -4.51 -19.42
CA SER B 3 -5.59 -5.58 -18.96
C SER B 3 -4.27 -5.50 -19.73
N LYS B 4 -3.16 -5.43 -19.01
CA LYS B 4 -1.85 -5.41 -19.67
C LYS B 4 -0.70 -5.83 -18.76
N ILE B 5 0.46 -5.87 -19.39
CA ILE B 5 1.76 -5.95 -18.71
C ILE B 5 2.31 -4.54 -18.62
N TYR B 6 2.61 -4.08 -17.43
CA TYR B 6 3.24 -2.76 -17.23
C TYR B 6 4.76 -2.88 -17.41
N GLU B 7 5.32 -1.97 -18.19
CA GLU B 7 6.74 -2.08 -18.52
C GLU B 7 7.66 -1.62 -17.42
N ASP B 8 7.14 -0.87 -16.44
CA ASP B 8 7.87 -0.62 -15.18
C ASP B 8 6.84 -0.16 -14.15
N ASN B 9 7.30 -0.08 -12.92
CA ASN B 9 6.34 0.15 -11.80
C ASN B 9 5.80 1.56 -11.89
N SER B 10 6.50 2.54 -12.42
CA SER B 10 5.94 3.90 -12.51
C SER B 10 4.67 3.92 -13.32
N LEU B 11 4.52 3.00 -14.28
CA LEU B 11 3.37 3.04 -15.19
C LEU B 11 2.09 2.50 -14.51
N THR B 12 2.24 1.97 -13.30
CA THR B 12 1.10 1.36 -12.56
C THR B 12 0.39 2.40 -11.68
N ILE B 13 0.73 3.66 -11.75
CA ILE B 13 0.10 4.68 -10.85
C ILE B 13 -1.39 4.73 -11.11
N GLY B 14 -2.12 5.08 -10.02
CA GLY B 14 -3.52 5.50 -10.16
C GLY B 14 -4.51 4.34 -10.23
N HIS B 15 -5.66 4.65 -10.78
CA HIS B 15 -6.85 3.78 -10.75
C HIS B 15 -7.17 3.36 -9.32
N THR B 16 -7.10 4.35 -8.42
CA THR B 16 -7.33 4.09 -6.99
C THR B 16 -8.83 4.01 -6.75
N PRO B 17 -9.24 3.19 -5.77
CA PRO B 17 -10.68 2.97 -5.56
C PRO B 17 -11.35 4.13 -4.81
N LEU B 18 -12.61 4.34 -5.19
CA LEU B 18 -13.52 5.28 -4.51
C LEU B 18 -14.51 4.46 -3.70
N VAL B 19 -14.46 4.63 -2.38
CA VAL B 19 -15.17 3.76 -1.42
C VAL B 19 -16.18 4.63 -0.65
N ARG B 20 -17.42 4.19 -0.66
CA ARG B 20 -18.45 4.85 0.20
C ARG B 20 -18.12 4.59 1.68
N LEU B 21 -18.12 5.68 2.47
CA LEU B 21 -18.01 5.56 3.93
C LEU B 21 -19.42 5.35 4.53
N ASN B 22 -19.54 4.26 5.26
CA ASN B 22 -20.88 3.87 5.77
C ASN B 22 -21.14 4.35 7.20
N ARG B 23 -20.12 4.41 8.02
CA ARG B 23 -20.30 4.88 9.44
C ARG B 23 -19.83 6.31 9.56
N ILE B 24 -18.85 6.74 8.79
CA ILE B 24 -18.33 8.10 8.92
C ILE B 24 -19.10 8.97 7.97
N GLY B 25 -19.86 9.89 8.55
CA GLY B 25 -20.68 10.79 7.75
C GLY B 25 -21.97 10.16 7.31
N ASN B 26 -22.65 10.83 6.40
CA ASN B 26 -24.07 10.57 6.09
C ASN B 26 -24.29 9.52 5.01
N GLY B 27 -23.22 8.81 4.63
CA GLY B 27 -23.31 7.80 3.55
C GLY B 27 -22.98 8.37 2.18
N ARG B 28 -22.70 9.65 2.10
CA ARG B 28 -22.37 10.32 0.83
C ARG B 28 -20.92 10.77 0.83
N ILE B 29 -20.11 10.41 1.80
CA ILE B 29 -18.66 10.66 1.70
C ILE B 29 -18.10 9.50 0.89
N LEU B 30 -17.41 9.83 -0.21
CA LEU B 30 -16.77 8.89 -1.13
C LEU B 30 -15.25 9.11 -1.04
N ALA B 31 -14.55 8.15 -0.48
CA ALA B 31 -13.13 8.25 -0.14
C ALA B 31 -12.29 7.64 -1.26
N LYS B 32 -11.37 8.47 -1.74
CA LYS B 32 -10.45 7.98 -2.84
C LYS B 32 -9.14 7.59 -2.17
N VAL B 33 -8.82 6.30 -2.25
CA VAL B 33 -7.76 5.71 -1.42
C VAL B 33 -6.42 5.80 -2.17
N GLU B 34 -5.70 6.89 -2.01
CA GLU B 34 -4.47 7.16 -2.80
C GLU B 34 -3.32 6.38 -2.24
N SER B 35 -3.44 5.60 -1.22
CA SER B 35 -2.39 4.65 -0.82
C SER B 35 -2.38 3.42 -1.76
N ARG B 36 -3.39 3.26 -2.60
CA ARG B 36 -3.41 2.13 -3.56
C ARG B 36 -2.57 2.49 -4.80
N ASN B 37 -1.30 2.67 -4.57
CA ASN B 37 -0.34 3.27 -5.54
C ASN B 37 0.96 2.57 -5.29
N PRO B 38 1.91 2.60 -6.29
CA PRO B 38 3.09 1.74 -6.25
C PRO B 38 4.06 1.95 -5.09
N SER B 39 4.10 3.17 -4.54
CA SER B 39 4.84 3.44 -3.28
C SER B 39 3.87 3.94 -2.21
N PHE B 40 2.58 3.65 -2.42
CA PHE B 40 1.55 3.72 -1.34
C PHE B 40 1.25 5.16 -0.97
N SER B 41 1.25 6.13 -1.84
CA SER B 41 0.71 7.44 -1.49
C SER B 41 0.22 8.18 -2.71
N VAL B 42 -0.40 9.31 -2.55
CA VAL B 42 -0.82 10.16 -3.66
C VAL B 42 0.45 10.60 -4.43
N LYS B 43 1.58 10.74 -3.74
CA LYS B 43 2.80 11.30 -4.40
C LYS B 43 3.30 10.34 -5.47
N CYS B 44 2.95 9.07 -5.45
CA CYS B 44 3.43 8.16 -6.53
C CYS B 44 3.07 8.78 -7.86
N ARG B 45 1.95 9.44 -8.04
CA ARG B 45 1.54 10.01 -9.34
C ARG B 45 2.51 11.10 -9.72
N ILE B 46 2.98 11.94 -8.81
CA ILE B 46 3.81 13.10 -9.19
C ILE B 46 5.27 12.63 -9.28
N GLY B 47 5.72 11.63 -8.52
CA GLY B 47 7.07 11.09 -8.71
C GLY B 47 7.16 10.58 -10.13
N ALA B 48 6.14 9.86 -10.59
CA ALA B 48 6.14 9.34 -11.97
C ALA B 48 6.09 10.52 -12.90
N ASN B 49 5.13 11.39 -12.84
CA ASN B 49 4.93 12.38 -13.91
C ASN B 49 6.01 13.45 -13.90
N MET B 50 6.60 13.83 -12.78
CA MET B 50 7.65 14.85 -12.84
C MET B 50 8.84 14.24 -13.59
N ILE B 51 9.10 12.97 -13.40
CA ILE B 51 10.24 12.31 -14.11
C ILE B 51 9.84 12.11 -15.57
N TRP B 52 8.66 11.63 -15.89
CA TRP B 52 8.23 11.48 -17.30
C TRP B 52 8.30 12.81 -18.01
N ASP B 53 7.93 13.88 -17.36
CA ASP B 53 7.87 15.22 -17.95
C ASP B 53 9.31 15.68 -18.22
N ALA B 54 10.23 15.40 -17.32
CA ALA B 54 11.64 15.78 -17.48
C ALA B 54 12.20 15.02 -18.68
N GLU B 55 11.86 13.75 -18.83
CA GLU B 55 12.26 12.96 -20.03
C GLU B 55 11.72 13.65 -21.28
N LYS B 56 10.46 13.99 -21.30
CA LYS B 56 9.82 14.57 -22.49
C LYS B 56 10.46 15.92 -22.83
N ARG B 57 10.88 16.70 -21.83
CA ARG B 57 11.44 18.04 -22.02
C ARG B 57 12.90 17.93 -22.49
N GLY B 58 13.49 16.73 -22.49
CA GLY B 58 14.86 16.55 -22.98
C GLY B 58 15.90 16.88 -21.92
N VAL B 59 15.50 17.07 -20.66
CA VAL B 59 16.40 17.54 -19.58
C VAL B 59 16.89 16.37 -18.75
N LEU B 60 16.53 15.13 -19.08
CA LEU B 60 17.02 13.93 -18.35
C LEU B 60 17.87 13.08 -19.32
N LYS B 61 18.82 13.69 -20.04
CA LYS B 61 19.74 12.98 -20.96
CA LYS B 61 19.76 13.00 -20.95
C LYS B 61 20.68 12.11 -20.13
N PRO B 62 21.33 11.11 -20.75
CA PRO B 62 22.28 10.27 -20.03
C PRO B 62 23.30 11.08 -19.21
N GLY B 63 23.50 10.69 -17.96
CA GLY B 63 24.46 11.33 -17.05
C GLY B 63 23.78 12.32 -16.13
N VAL B 64 22.60 12.80 -16.49
CA VAL B 64 21.84 13.72 -15.61
C VAL B 64 21.21 12.93 -14.47
N GLU B 65 21.43 13.44 -13.27
CA GLU B 65 20.92 12.90 -11.98
C GLU B 65 19.86 13.81 -11.38
N LEU B 66 18.97 13.23 -10.60
CA LEU B 66 17.86 13.97 -9.96
C LEU B 66 18.26 14.40 -8.56
N VAL B 67 17.75 15.55 -8.16
CA VAL B 67 17.93 16.06 -6.79
C VAL B 67 16.58 16.63 -6.32
N GLU B 68 16.17 16.37 -5.11
CA GLU B 68 14.98 17.04 -4.54
C GLU B 68 15.11 17.10 -3.02
N PRO B 69 14.77 18.25 -2.41
CA PRO B 69 14.64 18.31 -0.97
C PRO B 69 13.24 17.83 -0.56
N THR B 70 13.19 16.78 0.22
CA THR B 70 11.90 16.26 0.69
C THR B 70 12.09 15.36 1.88
N SER B 71 11.25 15.56 2.89
CA SER B 71 11.18 14.80 4.16
C SER B 71 10.08 13.76 4.13
N GLY B 72 9.37 13.63 3.00
CA GLY B 72 8.09 12.91 3.03
C GLY B 72 7.85 11.94 1.89
N ASN B 73 6.60 11.82 1.52
CA ASN B 73 6.12 10.85 0.52
C ASN B 73 6.69 11.14 -0.86
N THR B 74 7.00 12.37 -1.19
CA THR B 74 7.59 12.68 -2.50
C THR B 74 8.95 12.00 -2.57
N GLY B 75 9.75 11.94 -1.51
CA GLY B 75 11.07 11.28 -1.57
C GLY B 75 10.88 9.80 -1.89
N ILE B 76 9.90 9.15 -1.28
CA ILE B 76 9.65 7.72 -1.52
C ILE B 76 9.16 7.56 -2.95
N ALA B 77 8.32 8.42 -3.46
CA ALA B 77 7.78 8.36 -4.83
C ALA B 77 8.95 8.52 -5.82
N LEU B 78 9.72 9.57 -5.66
CA LEU B 78 10.84 9.78 -6.61
C LEU B 78 11.76 8.60 -6.48
N ALA B 79 12.01 8.03 -5.33
CA ALA B 79 12.95 6.90 -5.21
C ALA B 79 12.44 5.72 -5.98
N TYR B 80 11.17 5.33 -5.92
CA TYR B 80 10.78 4.09 -6.63
C TYR B 80 10.80 4.41 -8.11
N VAL B 81 10.43 5.59 -8.54
CA VAL B 81 10.43 5.87 -10.01
C VAL B 81 11.87 5.90 -10.52
N ALA B 82 12.77 6.56 -9.82
CA ALA B 82 14.19 6.59 -10.25
C ALA B 82 14.72 5.17 -10.30
N ALA B 83 14.39 4.29 -9.37
CA ALA B 83 14.85 2.90 -9.39
C ALA B 83 14.22 2.18 -10.60
N ALA B 84 12.98 2.39 -10.89
CA ALA B 84 12.24 1.71 -11.97
C ALA B 84 12.83 2.14 -13.30
N ARG B 85 13.17 3.41 -13.45
CA ARG B 85 13.50 3.95 -14.79
C ARG B 85 14.99 4.23 -14.90
N GLY B 86 15.81 3.86 -13.95
CA GLY B 86 17.27 3.82 -14.14
C GLY B 86 17.94 5.17 -13.94
N TYR B 87 17.43 6.00 -13.04
CA TYR B 87 18.09 7.29 -12.71
C TYR B 87 18.75 7.22 -11.34
N LYS B 88 19.77 8.03 -11.17
CA LYS B 88 20.39 8.31 -9.87
C LYS B 88 19.63 9.47 -9.24
N LEU B 89 19.36 9.31 -7.98
CA LEU B 89 18.55 10.28 -7.19
C LEU B 89 19.25 10.63 -5.89
N THR B 90 19.33 11.92 -5.59
CA THR B 90 19.77 12.45 -4.30
C THR B 90 18.62 13.17 -3.64
N LEU B 91 18.32 12.83 -2.40
CA LEU B 91 17.31 13.52 -1.59
C LEU B 91 18.04 14.22 -0.46
N THR B 92 17.66 15.44 -0.19
CA THR B 92 18.11 16.18 1.00
C THR B 92 16.99 16.22 2.01
N MET B 93 17.37 16.15 3.26
CA MET B 93 16.41 16.16 4.38
CA MET B 93 16.41 16.22 4.37
C MET B 93 17.19 16.44 5.67
N PRO B 94 16.54 17.02 6.68
CA PRO B 94 17.22 17.20 7.94
C PRO B 94 17.56 15.85 8.56
N GLU B 95 18.62 15.88 9.37
CA GLU B 95 19.16 14.69 10.08
C GLU B 95 18.17 14.15 11.12
N THR B 96 17.16 14.96 11.49
N THR B 96 16.94 14.70 11.17
CA THR B 96 16.07 14.51 12.37
CA THR B 96 15.84 14.26 12.06
C THR B 96 15.47 13.22 11.78
C THR B 96 14.73 13.45 11.35
N MET B 97 15.64 12.97 10.48
N MET B 97 14.71 13.37 10.02
CA MET B 97 14.92 11.89 9.76
CA MET B 97 13.78 12.44 9.32
C MET B 97 15.23 10.56 10.44
C MET B 97 13.85 11.06 10.00
N SER B 98 14.21 9.77 10.71
N SER B 98 12.72 10.37 10.10
CA SER B 98 14.40 8.48 11.42
CA SER B 98 12.62 9.07 10.81
C SER B 98 15.30 7.55 10.63
C SER B 98 13.52 8.02 10.16
N ILE B 99 16.01 6.69 11.37
N ILE B 99 13.96 7.03 10.95
CA ILE B 99 16.85 5.63 10.77
CA ILE B 99 14.74 5.86 10.46
C ILE B 99 15.94 4.73 9.92
C ILE B 99 13.89 5.06 9.46
N GLU B 100 14.73 4.42 10.35
N GLU B 100 12.58 4.98 9.67
CA GLU B 100 13.88 3.48 9.58
CA GLU B 100 11.67 4.21 8.79
C GLU B 100 13.56 4.10 8.22
C GLU B 100 11.78 4.80 7.38
N ARG B 101 13.29 5.38 8.16
N ARG B 101 11.74 6.12 7.27
CA ARG B 101 12.92 6.05 6.89
CA ARG B 101 11.76 6.79 5.96
C ARG B 101 14.17 6.10 5.99
C ARG B 101 13.16 6.67 5.31
N ARG B 102 15.34 6.39 6.55
N ARG B 102 14.20 6.80 6.12
CA ARG B 102 16.59 6.40 5.78
CA ARG B 102 15.59 6.60 5.62
C ARG B 102 16.78 5.00 5.15
C ARG B 102 15.74 5.15 5.12
N LYS B 103 16.55 3.94 5.92
N LYS B 103 15.20 4.17 5.85
CA LYS B 103 16.62 2.54 5.44
CA LYS B 103 15.24 2.74 5.46
C LYS B 103 15.67 2.32 4.28
C LYS B 103 14.55 2.54 4.12
N LEU B 104 14.43 2.83 4.35
N LEU B 104 13.31 2.99 3.98
CA LEU B 104 13.44 2.57 3.28
CA LEU B 104 12.57 2.88 2.71
C LEU B 104 13.85 3.27 1.97
C LEU B 104 13.42 3.53 1.62
N LEU B 105 14.14 4.58 1.99
CA LEU B 105 14.68 5.37 0.88
C LEU B 105 15.94 4.73 0.34
N LYS B 106 16.83 4.32 1.22
CA LYS B 106 18.11 3.65 0.88
CA LYS B 106 18.10 3.74 0.71
CA LYS B 106 18.12 3.67 0.84
C LYS B 106 17.81 2.37 0.09
N ALA B 107 16.82 1.61 0.57
CA ALA B 107 16.49 0.33 -0.07
C ALA B 107 15.98 0.55 -1.50
N LEU B 108 15.32 1.68 -1.75
CA LEU B 108 14.86 2.07 -3.08
C LEU B 108 15.99 2.72 -3.90
N GLY B 109 17.19 2.81 -3.36
CA GLY B 109 18.36 3.28 -4.13
C GLY B 109 18.67 4.74 -3.99
N ALA B 110 17.90 5.48 -3.20
CA ALA B 110 18.15 6.93 -3.10
C ALA B 110 19.46 7.15 -2.36
N ASN B 111 20.15 8.19 -2.77
CA ASN B 111 21.32 8.77 -2.07
CA ASN B 111 21.32 8.79 -2.09
C ASN B 111 20.77 9.85 -1.13
N LEU B 112 21.12 9.76 0.13
CA LEU B 112 20.56 10.69 1.14
C LEU B 112 21.64 11.71 1.50
N VAL B 113 21.25 12.99 1.58
CA VAL B 113 22.13 14.03 2.15
C VAL B 113 21.39 14.64 3.32
N LEU B 114 21.94 14.38 4.50
CA LEU B 114 21.30 14.80 5.77
C LEU B 114 21.83 16.17 6.15
N THR B 115 20.92 17.08 6.43
CA THR B 115 21.23 18.49 6.74
C THR B 115 20.99 18.79 8.22
N GLU B 116 21.42 19.96 8.64
CA GLU B 116 21.49 20.25 10.08
C GLU B 116 20.07 20.30 10.65
N GLY B 117 19.85 19.59 11.75
CA GLY B 117 18.48 19.44 12.29
C GLY B 117 17.81 20.77 12.61
N ALA B 118 18.52 21.71 13.22
CA ALA B 118 17.97 23.03 13.62
C ALA B 118 17.46 23.81 12.40
N LYS B 119 17.98 23.52 11.21
CA LYS B 119 17.60 24.30 10.00
C LYS B 119 16.40 23.67 9.27
N GLY B 120 15.94 22.50 9.69
CA GLY B 120 14.69 21.91 9.20
C GLY B 120 14.62 21.78 7.69
N MET B 121 13.41 21.92 7.14
CA MET B 121 13.20 21.76 5.68
CA MET B 121 13.27 21.73 5.66
C MET B 121 13.96 22.88 4.93
N LYS B 122 14.03 24.08 5.54
CA LYS B 122 14.73 25.21 4.87
C LYS B 122 16.18 24.84 4.60
N GLY B 123 16.84 24.20 5.56
CA GLY B 123 18.24 23.75 5.40
C GLY B 123 18.39 22.70 4.31
N ALA B 124 17.41 21.83 4.19
CA ALA B 124 17.44 20.80 3.14
C ALA B 124 17.26 21.43 1.75
N ILE B 125 16.36 22.42 1.65
CA ILE B 125 16.15 23.17 0.38
C ILE B 125 17.45 23.86 0.01
N GLN B 126 18.10 24.54 0.96
CA GLN B 126 19.40 25.22 0.73
CA GLN B 126 19.37 25.24 0.63
C GLN B 126 20.44 24.23 0.19
N LYS B 127 20.57 23.07 0.82
CA LYS B 127 21.56 22.07 0.41
C LYS B 127 21.27 21.55 -1.01
N ALA B 128 20.01 21.28 -1.34
CA ALA B 128 19.66 20.85 -2.70
C ALA B 128 20.09 21.91 -3.71
N GLU B 129 19.80 23.18 -3.42
CA GLU B 129 20.20 24.28 -4.34
C GLU B 129 21.73 24.31 -4.51
N GLU B 130 22.46 24.11 -3.40
CA GLU B 130 23.94 24.13 -3.41
C GLU B 130 24.46 22.95 -4.22
N ILE B 131 23.83 21.78 -4.12
CA ILE B 131 24.29 20.60 -4.88
C ILE B 131 24.11 20.88 -6.37
N VAL B 132 22.94 21.39 -6.75
CA VAL B 132 22.70 21.71 -8.17
C VAL B 132 23.73 22.74 -8.64
N ALA B 133 23.97 23.78 -7.86
CA ALA B 133 24.89 24.87 -8.26
C ALA B 133 26.31 24.32 -8.44
N SER B 134 26.67 23.26 -7.74
CA SER B 134 28.04 22.67 -7.83
C SER B 134 28.24 22.06 -9.22
N ASP B 135 27.18 21.69 -9.92
CA ASP B 135 27.30 21.08 -11.27
C ASP B 135 25.94 21.08 -11.94
N PRO B 136 25.49 22.27 -12.43
CA PRO B 136 24.12 22.40 -12.93
C PRO B 136 23.84 21.51 -14.15
N GLN B 137 24.85 21.14 -14.94
CA GLN B 137 24.59 20.28 -16.10
C GLN B 137 24.28 18.86 -15.61
N LYS B 138 24.84 18.47 -14.48
CA LYS B 138 24.71 17.09 -13.96
C LYS B 138 23.39 16.92 -13.19
N TYR B 139 22.92 17.94 -12.49
CA TYR B 139 21.84 17.78 -11.50
C TYR B 139 20.57 18.49 -11.96
N LEU B 140 19.42 17.82 -11.83
CA LEU B 140 18.09 18.37 -12.15
C LEU B 140 17.25 18.36 -10.87
N LEU B 141 16.85 19.56 -10.44
CA LEU B 141 15.92 19.77 -9.32
C LEU B 141 14.50 19.64 -9.86
N LEU B 142 13.65 18.86 -9.22
CA LEU B 142 12.27 18.70 -9.75
CA LEU B 142 12.25 18.65 -9.70
C LEU B 142 11.34 19.81 -9.27
N GLN B 143 11.53 20.31 -8.08
CA GLN B 143 10.75 21.47 -7.55
C GLN B 143 9.24 21.15 -7.46
N GLN B 144 8.90 20.21 -6.58
CA GLN B 144 7.51 19.72 -6.48
C GLN B 144 6.48 20.82 -6.18
N PHE B 145 6.85 21.89 -5.51
CA PHE B 145 5.89 22.93 -5.12
C PHE B 145 5.52 23.83 -6.28
N SER B 146 6.29 23.88 -7.36
CA SER B 146 6.02 24.78 -8.51
C SER B 146 6.05 24.06 -9.85
N ASN B 147 6.50 22.83 -9.90
CA ASN B 147 6.62 22.14 -11.21
C ASN B 147 5.22 21.84 -11.71
N PRO B 148 4.79 22.35 -12.87
CA PRO B 148 3.43 22.12 -13.35
C PRO B 148 3.13 20.63 -13.65
N ALA B 149 4.15 19.78 -13.76
CA ALA B 149 3.93 18.32 -13.99
C ALA B 149 3.26 17.68 -12.77
N ASN B 150 3.29 18.37 -11.61
CA ASN B 150 2.60 17.88 -10.40
C ASN B 150 1.09 18.00 -10.64
N PRO B 151 0.48 19.20 -10.73
CA PRO B 151 -0.96 19.25 -10.97
C PRO B 151 -1.35 18.57 -12.30
N GLU B 152 -0.46 18.57 -13.29
CA GLU B 152 -0.80 17.95 -14.60
C GLU B 152 -1.22 16.50 -14.38
N ILE B 153 -0.50 15.75 -13.56
CA ILE B 153 -0.85 14.29 -13.50
C ILE B 153 -2.24 14.13 -12.87
N HIS B 154 -2.59 15.02 -11.96
CA HIS B 154 -3.91 14.96 -11.33
C HIS B 154 -5.01 15.40 -12.30
N GLU B 155 -4.67 16.31 -13.23
CA GLU B 155 -5.60 16.71 -14.29
C GLU B 155 -5.82 15.54 -15.26
N LYS B 156 -4.81 14.71 -15.44
CA LYS B 156 -4.83 13.63 -16.46
C LYS B 156 -5.22 12.27 -15.93
N THR B 157 -5.18 12.06 -14.60
CA THR B 157 -5.45 10.71 -14.04
C THR B 157 -6.46 10.84 -12.87
N THR B 158 -6.09 11.50 -11.77
CA THR B 158 -6.93 11.54 -10.55
C THR B 158 -8.29 12.11 -10.91
N GLY B 159 -8.30 13.25 -11.59
CA GLY B 159 -9.55 13.92 -11.96
C GLY B 159 -10.47 13.03 -12.80
N PRO B 160 -9.95 12.56 -13.95
CA PRO B 160 -10.73 11.62 -14.75
C PRO B 160 -11.26 10.41 -13.98
N GLU B 161 -10.46 9.85 -13.08
CA GLU B 161 -10.94 8.70 -12.28
C GLU B 161 -12.14 9.09 -11.40
N ILE B 162 -12.07 10.27 -10.82
CA ILE B 162 -13.18 10.75 -9.97
C ILE B 162 -14.42 10.95 -10.84
N TRP B 163 -14.26 11.59 -11.99
CA TRP B 163 -15.38 11.86 -12.90
C TRP B 163 -16.00 10.54 -13.36
N GLU B 164 -15.19 9.60 -13.79
CA GLU B 164 -15.71 8.31 -14.29
CA GLU B 164 -15.75 8.32 -14.31
C GLU B 164 -16.37 7.53 -13.16
N ASP B 165 -15.68 7.41 -12.04
CA ASP B 165 -16.21 6.54 -10.97
C ASP B 165 -17.52 7.08 -10.38
N THR B 166 -17.72 8.40 -10.38
CA THR B 166 -18.97 9.00 -9.90
C THR B 166 -19.98 9.21 -11.03
N ASP B 167 -19.66 8.84 -12.26
CA ASP B 167 -20.54 9.09 -13.43
CA ASP B 167 -20.58 9.08 -13.42
C ASP B 167 -20.93 10.58 -13.42
N GLY B 168 -19.96 11.44 -13.14
CA GLY B 168 -20.14 12.89 -13.19
C GLY B 168 -20.93 13.48 -12.02
N GLN B 169 -21.25 12.67 -11.02
N GLN B 169 -21.29 12.63 -11.06
CA GLN B 169 -22.18 13.08 -9.94
CA GLN B 169 -22.07 12.99 -9.85
C GLN B 169 -21.45 13.74 -8.76
C GLN B 169 -21.12 13.12 -8.65
N VAL B 170 -20.17 13.97 -8.82
CA VAL B 170 -19.37 14.59 -7.75
C VAL B 170 -19.85 16.04 -7.60
N ASP B 171 -20.23 16.39 -6.40
CA ASP B 171 -20.73 17.76 -6.08
C ASP B 171 -19.69 18.59 -5.34
N VAL B 172 -18.90 17.91 -4.52
CA VAL B 172 -17.92 18.55 -3.62
C VAL B 172 -16.65 17.71 -3.73
N PHE B 173 -15.55 18.42 -3.83
CA PHE B 173 -14.24 17.77 -3.89
C PHE B 173 -13.37 18.33 -2.79
N ILE B 174 -12.87 17.46 -1.91
CA ILE B 174 -12.10 17.90 -0.74
C ILE B 174 -10.67 17.37 -0.81
N SER B 175 -9.75 18.29 -0.66
CA SER B 175 -8.31 17.94 -0.73
C SER B 175 -7.57 18.69 0.38
N GLY B 176 -6.87 17.96 1.24
CA GLY B 176 -5.82 18.57 2.07
C GLY B 176 -4.67 19.03 1.22
N VAL B 177 -4.24 20.26 1.41
CA VAL B 177 -3.25 20.89 0.52
C VAL B 177 -1.86 20.80 1.13
N GLY B 178 -0.93 20.23 0.35
CA GLY B 178 0.49 20.28 0.66
C GLY B 178 1.15 21.12 -0.42
N THR B 179 1.39 20.47 -1.57
CA THR B 179 1.85 21.20 -2.79
C THR B 179 0.67 21.90 -3.49
N GLY B 180 -0.54 21.43 -3.27
CA GLY B 180 -1.72 21.94 -4.00
C GLY B 180 -1.98 21.22 -5.31
N GLY B 181 -1.06 20.33 -5.75
CA GLY B 181 -1.22 19.75 -7.09
C GLY B 181 -2.50 18.95 -7.22
N THR B 182 -2.89 18.22 -6.17
CA THR B 182 -4.10 17.39 -6.24
C THR B 182 -5.30 18.31 -6.44
N LEU B 183 -5.43 19.30 -5.55
CA LEU B 183 -6.59 20.20 -5.64
C LEU B 183 -6.64 20.87 -7.02
N THR B 184 -5.51 21.43 -7.42
CA THR B 184 -5.44 22.22 -8.67
C THR B 184 -5.78 21.33 -9.86
N GLY B 185 -5.10 20.20 -9.98
CA GLY B 185 -5.27 19.38 -11.18
C GLY B 185 -6.65 18.75 -11.25
N VAL B 186 -7.15 18.21 -10.16
CA VAL B 186 -8.51 17.62 -10.20
C VAL B 186 -9.52 18.71 -10.54
N THR B 187 -9.40 19.89 -9.91
CA THR B 187 -10.41 20.93 -10.13
C THR B 187 -10.33 21.43 -11.56
N ARG B 188 -9.14 21.59 -12.12
CA ARG B 188 -9.03 21.98 -13.55
C ARG B 188 -9.76 20.97 -14.43
N TYR B 189 -9.64 19.69 -14.13
CA TYR B 189 -10.33 18.67 -14.95
C TYR B 189 -11.83 18.78 -14.82
N ILE B 190 -12.32 18.86 -13.60
CA ILE B 190 -13.78 18.77 -13.39
C ILE B 190 -14.47 20.11 -13.73
N LYS B 191 -13.98 21.24 -13.21
CA LYS B 191 -14.59 22.55 -13.52
C LYS B 191 -14.29 22.97 -14.96
N GLY B 192 -13.10 22.68 -15.45
CA GLY B 192 -12.67 23.17 -16.76
C GLY B 192 -12.96 22.18 -17.86
N THR B 193 -12.26 21.07 -17.87
CA THR B 193 -12.37 20.11 -18.99
C THR B 193 -13.81 19.59 -19.08
N LYS B 194 -14.39 19.21 -17.96
CA LYS B 194 -15.76 18.65 -17.89
C LYS B 194 -16.83 19.75 -17.74
N GLY B 195 -16.42 20.99 -17.50
CA GLY B 195 -17.29 22.16 -17.50
C GLY B 195 -18.20 22.18 -16.30
N LYS B 196 -17.91 21.39 -15.24
CA LYS B 196 -18.84 21.40 -14.10
CA LYS B 196 -18.82 21.37 -14.07
C LYS B 196 -18.46 22.52 -13.12
N THR B 197 -18.83 23.73 -13.45
CA THR B 197 -18.43 24.94 -12.70
C THR B 197 -19.13 25.00 -11.35
N ASP B 198 -20.19 24.22 -11.14
CA ASP B 198 -20.95 24.16 -9.86
CA ASP B 198 -20.87 24.27 -9.81
C ASP B 198 -20.20 23.28 -8.84
N LEU B 199 -19.18 22.55 -9.25
CA LEU B 199 -18.35 21.82 -8.27
C LEU B 199 -17.91 22.76 -7.15
N ILE B 200 -18.02 22.30 -5.91
CA ILE B 200 -17.46 23.00 -4.75
C ILE B 200 -16.13 22.36 -4.38
N THR B 201 -15.05 23.09 -4.59
CA THR B 201 -13.70 22.65 -4.28
C THR B 201 -13.35 23.16 -2.88
N VAL B 202 -12.97 22.25 -2.01
CA VAL B 202 -12.65 22.57 -0.60
C VAL B 202 -11.20 22.24 -0.30
N ALA B 203 -10.43 23.26 0.03
CA ALA B 203 -9.06 23.07 0.52
C ALA B 203 -9.13 22.78 2.01
N VAL B 204 -8.34 21.86 2.49
CA VAL B 204 -8.23 21.55 3.92
C VAL B 204 -6.85 21.95 4.39
N GLU B 205 -6.82 22.56 5.58
CA GLU B 205 -5.53 22.94 6.16
C GLU B 205 -5.63 22.85 7.68
N PRO B 206 -4.46 22.88 8.35
CA PRO B 206 -4.45 22.87 9.80
C PRO B 206 -4.98 24.18 10.38
N THR B 207 -5.79 24.12 11.42
CA THR B 207 -6.23 25.33 12.16
C THR B 207 -5.00 26.10 12.62
N ASP B 208 -3.90 25.40 12.93
CA ASP B 208 -2.69 26.04 13.49
C ASP B 208 -1.80 26.61 12.39
N SER B 209 -2.12 26.43 11.12
CA SER B 209 -1.34 27.09 10.04
C SER B 209 -2.24 27.48 8.88
N PRO B 210 -3.25 28.32 9.09
CA PRO B 210 -4.39 28.46 8.21
C PRO B 210 -4.10 29.47 7.09
N VAL B 211 -3.03 29.24 6.33
CA VAL B 211 -2.53 30.28 5.39
C VAL B 211 -3.45 30.40 4.16
N ILE B 212 -4.13 29.34 3.76
CA ILE B 212 -5.05 29.43 2.60
C ILE B 212 -6.23 30.31 2.96
N ALA B 213 -6.75 30.10 4.12
CA ALA B 213 -7.87 30.92 4.66
C ALA B 213 -7.44 32.39 4.72
N GLN B 214 -6.23 32.60 5.22
CA GLN B 214 -5.66 33.97 5.31
C GLN B 214 -5.56 34.58 3.89
N ALA B 215 -5.02 33.83 2.95
CA ALA B 215 -4.84 34.33 1.57
C ALA B 215 -6.21 34.68 0.97
N LEU B 216 -7.20 33.79 1.06
CA LEU B 216 -8.52 34.06 0.44
C LEU B 216 -9.23 35.24 1.10
N ALA B 217 -9.01 35.46 2.39
CA ALA B 217 -9.63 36.55 3.15
C ALA B 217 -8.88 37.87 2.93
N GLY B 218 -7.69 37.83 2.36
CA GLY B 218 -6.81 38.99 2.24
C GLY B 218 -6.19 39.39 3.56
N GLU B 219 -5.99 38.41 4.43
CA GLU B 219 -5.29 38.62 5.72
CA GLU B 219 -5.32 38.57 5.75
C GLU B 219 -3.82 38.27 5.57
N GLU B 220 -2.97 38.84 6.39
CA GLU B 220 -1.51 38.53 6.35
C GLU B 220 -1.30 37.04 6.57
N ILE B 221 -0.31 36.49 5.88
CA ILE B 221 0.08 35.06 5.99
C ILE B 221 0.87 34.88 7.29
N LYS B 222 0.37 34.01 8.17
CA LYS B 222 0.92 33.72 9.53
CA LYS B 222 1.05 33.68 9.46
C LYS B 222 0.84 32.21 9.75
N PRO B 223 1.87 31.43 9.38
CA PRO B 223 1.84 29.98 9.61
C PRO B 223 2.19 29.62 11.05
N GLY B 224 2.05 28.34 11.37
CA GLY B 224 2.44 27.79 12.69
C GLY B 224 2.72 26.30 12.61
N PRO B 225 3.34 25.73 13.65
CA PRO B 225 3.58 24.29 13.68
C PRO B 225 2.29 23.48 13.95
N HIS B 226 2.27 22.30 13.31
CA HIS B 226 1.14 21.37 13.45
C HIS B 226 1.57 19.91 13.15
N LYS B 227 0.65 18.95 13.33
CA LYS B 227 0.94 17.50 13.29
C LYS B 227 0.43 16.85 12.01
N ILE B 228 -0.28 17.60 11.18
CA ILE B 228 -0.98 16.96 10.03
C ILE B 228 -0.01 16.75 8.87
N GLN B 229 0.79 15.70 8.99
CA GLN B 229 1.88 15.43 8.03
C GLN B 229 1.33 15.50 6.60
N GLY B 230 2.06 16.10 5.69
CA GLY B 230 1.70 16.14 4.28
C GLY B 230 0.91 17.35 3.87
N ILE B 231 0.30 18.06 4.83
CA ILE B 231 -0.41 19.29 4.46
C ILE B 231 0.16 20.47 5.25
N GLY B 232 -0.20 21.65 4.80
CA GLY B 232 0.02 22.85 5.60
C GLY B 232 1.48 23.23 5.64
N ALA B 233 2.03 23.55 4.50
CA ALA B 233 3.46 23.90 4.38
C ALA B 233 3.75 25.31 4.91
N GLY B 234 2.72 26.11 5.17
CA GLY B 234 2.88 27.44 5.79
C GLY B 234 3.10 28.55 4.81
N PHE B 235 2.91 28.29 3.54
CA PHE B 235 2.92 29.29 2.45
C PHE B 235 1.97 28.81 1.37
N ILE B 236 1.69 29.65 0.39
CA ILE B 236 0.83 29.32 -0.75
C ILE B 236 1.73 28.78 -1.85
N PRO B 237 1.70 27.47 -2.15
CA PRO B 237 2.58 26.92 -3.18
C PRO B 237 2.23 27.41 -4.57
N GLY B 238 3.22 27.41 -5.46
CA GLY B 238 3.00 27.70 -6.88
C GLY B 238 1.98 26.80 -7.49
N ASN B 239 1.89 25.56 -7.02
CA ASN B 239 0.97 24.55 -7.61
C ASN B 239 -0.43 24.60 -6.96
N LEU B 240 -0.70 25.56 -6.09
CA LEU B 240 -2.05 25.81 -5.59
C LEU B 240 -2.65 27.02 -6.30
N ASP B 241 -3.65 26.78 -7.14
CA ASP B 241 -4.33 27.87 -7.87
C ASP B 241 -5.47 28.34 -6.98
N LEU B 242 -5.26 29.42 -6.25
CA LEU B 242 -6.22 29.92 -5.27
C LEU B 242 -7.58 30.23 -5.91
N LYS B 243 -7.57 30.60 -7.18
CA LYS B 243 -8.78 30.98 -7.98
CA LYS B 243 -8.86 31.03 -7.81
C LYS B 243 -9.77 29.82 -8.02
N LEU B 244 -9.27 28.60 -7.86
CA LEU B 244 -10.10 27.38 -8.05
C LEU B 244 -10.80 27.02 -6.75
N ILE B 245 -10.50 27.64 -5.62
CA ILE B 245 -10.99 27.20 -4.29
C ILE B 245 -12.31 27.89 -3.99
N ASP B 246 -13.31 27.12 -3.59
CA ASP B 246 -14.58 27.69 -3.13
C ASP B 246 -14.62 27.90 -1.62
N LYS B 247 -14.03 26.98 -0.85
CA LYS B 247 -14.12 26.96 0.63
CA LYS B 247 -14.12 26.93 0.64
CA LYS B 247 -14.08 27.02 0.63
C LYS B 247 -12.79 26.42 1.17
N VAL B 248 -12.40 26.91 2.32
CA VAL B 248 -11.23 26.39 3.07
C VAL B 248 -11.79 25.94 4.41
N VAL B 249 -11.42 24.74 4.83
CA VAL B 249 -11.79 24.22 6.17
C VAL B 249 -10.53 23.94 6.97
N GLY B 250 -10.49 24.52 8.17
CA GLY B 250 -9.36 24.30 9.08
C GLY B 250 -9.68 23.17 10.03
N ILE B 251 -8.72 22.28 10.24
CA ILE B 251 -8.90 21.07 11.06
C ILE B 251 -7.84 21.03 12.13
N THR B 252 -8.24 20.72 13.35
CA THR B 252 -7.25 20.58 14.44
C THR B 252 -6.43 19.31 14.33
N ASN B 253 -5.30 19.30 15.01
CA ASN B 253 -4.46 18.10 15.14
C ASN B 253 -5.31 16.93 15.65
N GLU B 254 -6.08 17.21 16.70
CA GLU B 254 -6.84 16.15 17.36
C GLU B 254 -7.95 15.62 16.45
N GLU B 255 -8.62 16.49 15.72
CA GLU B 255 -9.70 16.10 14.80
C GLU B 255 -9.10 15.20 13.69
N ALA B 256 -7.92 15.56 13.21
CA ALA B 256 -7.30 14.79 12.12
C ALA B 256 -6.98 13.39 12.63
N ILE B 257 -6.33 13.29 13.78
CA ILE B 257 -5.91 12.01 14.34
C ILE B 257 -7.14 11.16 14.66
N SER B 258 -8.14 11.75 15.35
CA SER B 258 -9.31 10.95 15.74
CA SER B 258 -9.34 10.97 15.74
C SER B 258 -10.06 10.43 14.50
N THR B 259 -10.19 11.26 13.48
CA THR B 259 -10.94 10.83 12.27
C THR B 259 -10.15 9.78 11.46
N ALA B 260 -8.83 9.90 11.48
CA ALA B 260 -8.03 8.83 10.84
C ALA B 260 -8.24 7.52 11.58
N ARG B 261 -8.28 7.58 12.93
CA ARG B 261 -8.58 6.37 13.70
C ARG B 261 -9.95 5.82 13.37
N ARG B 262 -10.93 6.67 13.12
CA ARG B 262 -12.27 6.17 12.73
C ARG B 262 -12.21 5.48 11.35
N LEU B 263 -11.44 6.05 10.41
CA LEU B 263 -11.34 5.39 9.09
C LEU B 263 -10.83 3.97 9.25
N MET B 264 -9.87 3.77 10.12
CA MET B 264 -9.32 2.41 10.33
C MET B 264 -10.31 1.50 11.04
N GLU B 265 -10.87 1.95 12.17
CA GLU B 265 -11.67 1.07 13.08
C GLU B 265 -13.09 0.87 12.52
N GLU B 266 -13.66 1.91 11.95
CA GLU B 266 -15.06 1.89 11.52
C GLU B 266 -15.22 1.47 10.06
N GLU B 267 -14.21 1.79 9.23
CA GLU B 267 -14.31 1.51 7.76
C GLU B 267 -13.29 0.49 7.31
N GLY B 268 -12.30 0.13 8.10
CA GLY B 268 -11.25 -0.79 7.61
C GLY B 268 -10.42 -0.17 6.50
N ILE B 269 -10.22 1.12 6.50
CA ILE B 269 -9.34 1.85 5.56
C ILE B 269 -8.15 2.34 6.32
N LEU B 270 -6.99 1.69 6.13
CA LEU B 270 -5.74 2.21 6.72
C LEU B 270 -5.60 3.65 6.22
N ALA B 271 -5.27 4.58 7.08
CA ALA B 271 -5.34 6.00 6.75
C ALA B 271 -4.36 6.79 7.57
N GLY B 272 -3.69 7.72 6.93
CA GLY B 272 -2.79 8.64 7.60
C GLY B 272 -3.53 9.81 8.27
N ILE B 273 -2.74 10.69 8.85
CA ILE B 273 -3.30 11.81 9.63
C ILE B 273 -4.03 12.76 8.70
N SER B 274 -3.44 13.05 7.52
CA SER B 274 -4.07 13.98 6.56
C SER B 274 -5.35 13.39 5.97
N SER B 275 -5.46 12.08 5.89
CA SER B 275 -6.71 11.42 5.45
C SER B 275 -7.82 11.71 6.50
N GLY B 276 -7.42 11.57 7.75
CA GLY B 276 -8.32 11.98 8.84
C GLY B 276 -8.70 13.43 8.71
N ALA B 277 -7.76 14.31 8.40
CA ALA B 277 -8.09 15.75 8.32
C ALA B 277 -9.13 15.98 7.23
N ALA B 278 -8.87 15.41 6.04
CA ALA B 278 -9.77 15.68 4.91
C ALA B 278 -11.19 15.15 5.20
N VAL B 279 -11.28 13.97 5.77
CA VAL B 279 -12.63 13.42 6.13
C VAL B 279 -13.26 14.24 7.27
N ALA B 280 -12.45 14.74 8.19
CA ALA B 280 -13.00 15.59 9.26
C ALA B 280 -13.63 16.81 8.60
N ALA B 281 -13.04 17.37 7.54
CA ALA B 281 -13.61 18.54 6.86
C ALA B 281 -14.94 18.18 6.20
N ALA B 282 -15.05 17.00 5.61
CA ALA B 282 -16.33 16.55 5.02
C ALA B 282 -17.39 16.52 6.14
N LEU B 283 -17.04 15.98 7.28
CA LEU B 283 -18.01 15.91 8.40
C LEU B 283 -18.47 17.30 8.79
N LYS B 284 -17.59 18.27 8.81
CA LYS B 284 -18.04 19.63 9.17
C LYS B 284 -19.01 20.16 8.12
N LEU B 285 -18.69 19.96 6.85
CA LEU B 285 -19.59 20.44 5.76
C LEU B 285 -20.96 19.78 5.90
N GLN B 286 -21.01 18.51 6.30
CA GLN B 286 -22.29 17.79 6.41
C GLN B 286 -23.12 18.25 7.61
N GLU B 287 -22.60 19.16 8.43
CA GLU B 287 -23.41 19.80 9.50
C GLU B 287 -24.21 20.95 8.90
N ASP B 288 -23.86 21.43 7.72
CA ASP B 288 -24.51 22.54 7.00
C ASP B 288 -25.56 21.95 6.05
N GLU B 289 -26.81 22.35 6.18
CA GLU B 289 -27.94 21.86 5.35
CA GLU B 289 -27.96 21.89 5.35
C GLU B 289 -27.61 21.98 3.86
N SER B 290 -26.82 22.98 3.46
CA SER B 290 -26.53 23.22 2.02
C SER B 290 -25.75 22.03 1.43
N PHE B 291 -25.06 21.24 2.26
CA PHE B 291 -24.20 20.13 1.82
C PHE B 291 -24.83 18.74 2.04
N THR B 292 -25.95 18.66 2.72
CA THR B 292 -26.47 17.39 3.26
CA THR B 292 -26.44 17.38 3.27
C THR B 292 -26.70 16.36 2.14
N ASN B 293 -27.23 16.78 1.00
CA ASN B 293 -27.62 15.80 -0.05
C ASN B 293 -26.55 15.65 -1.14
N LYS B 294 -25.36 16.17 -0.89
CA LYS B 294 -24.30 16.27 -1.93
CA LYS B 294 -24.29 16.28 -1.91
C LYS B 294 -23.38 15.04 -1.90
N ASN B 295 -22.89 14.64 -3.07
CA ASN B 295 -21.85 13.61 -3.10
C ASN B 295 -20.50 14.30 -2.89
N ILE B 296 -19.78 13.86 -1.87
CA ILE B 296 -18.53 14.50 -1.44
C ILE B 296 -17.40 13.51 -1.70
N VAL B 297 -16.52 13.86 -2.61
CA VAL B 297 -15.33 13.04 -2.87
C VAL B 297 -14.17 13.61 -2.07
N VAL B 298 -13.50 12.75 -1.34
CA VAL B 298 -12.41 13.16 -0.44
C VAL B 298 -11.17 12.33 -0.77
N ILE B 299 -10.05 13.02 -0.92
CA ILE B 299 -8.76 12.31 -1.14
C ILE B 299 -8.19 11.81 0.19
N LEU B 300 -7.85 10.54 0.29
CA LEU B 300 -7.09 9.96 1.40
C LEU B 300 -5.66 9.75 0.97
N PRO B 301 -4.74 10.65 1.30
CA PRO B 301 -3.42 10.60 0.64
C PRO B 301 -2.53 9.42 0.98
N SER B 302 -2.63 8.78 2.12
CA SER B 302 -1.61 7.86 2.63
C SER B 302 -2.23 6.78 3.49
N SER B 303 -1.49 5.77 3.83
CA SER B 303 -1.91 4.64 4.65
C SER B 303 -1.31 4.82 6.05
N GLY B 304 -2.14 4.49 7.07
CA GLY B 304 -1.72 4.56 8.47
C GLY B 304 -0.54 3.68 8.81
N GLU B 305 -0.24 2.68 7.96
CA GLU B 305 0.93 1.84 8.21
C GLU B 305 2.21 2.68 8.18
N ARG B 306 2.23 3.77 7.43
CA ARG B 306 3.40 4.67 7.38
C ARG B 306 3.55 5.56 8.61
N TYR B 307 2.69 5.39 9.61
CA TYR B 307 2.57 6.32 10.77
C TYR B 307 2.71 5.53 12.06
N LEU B 308 3.20 4.32 12.05
CA LEU B 308 3.23 3.44 13.24
C LEU B 308 4.08 4.01 14.38
N SER B 309 4.98 4.95 14.13
CA SER B 309 5.83 5.55 15.17
C SER B 309 5.25 6.86 15.65
N THR B 310 4.02 7.18 15.28
CA THR B 310 3.43 8.49 15.54
C THR B 310 2.28 8.37 16.55
N ALA B 311 1.81 9.52 17.02
CA ALA B 311 0.64 9.67 17.88
C ALA B 311 -0.61 9.05 17.28
N LEU B 312 -0.63 8.73 15.98
CA LEU B 312 -1.82 8.10 15.35
C LEU B 312 -2.11 6.77 16.03
N PHE B 313 -1.08 6.08 16.54
CA PHE B 313 -1.25 4.75 17.18
C PHE B 313 -1.05 4.82 18.69
N ALA B 314 -1.11 6.00 19.28
CA ALA B 314 -0.94 6.17 20.75
C ALA B 314 -2.23 5.82 21.50
N ASP B 315 -2.12 5.36 22.73
CA ASP B 315 -3.29 5.07 23.62
C ASP B 315 -4.24 4.09 22.92
N LEU B 316 -3.72 3.12 22.16
CA LEU B 316 -4.60 2.03 21.69
C LEU B 316 -4.63 0.93 22.74
N PHE B 317 -3.62 0.90 23.61
CA PHE B 317 -3.47 -0.04 24.74
C PHE B 317 -3.26 0.74 26.04
N THR B 318 -3.41 0.04 27.16
CA THR B 318 -3.27 0.55 28.54
C THR B 318 -1.81 0.46 28.97
#